data_6OFY
#
_entry.id   6OFY
#
_cell.length_a   123.150
_cell.length_b   135.100
_cell.length_c   182.880
_cell.angle_alpha   90.00
_cell.angle_beta   90.00
_cell.angle_gamma   90.00
#
_symmetry.space_group_name_H-M   'I 2 2 2'
#
loop_
_entity.id
_entity.type
_entity.pdbx_description
1 polymer 'Prostaglandin G/H synthase 2'
2 non-polymer 2-acetamido-2-deoxy-beta-D-glucopyranose
3 non-polymer 'PROTOPORPHYRIN IX CONTAINING CO'
4 non-polymer 'octyl beta-D-glucopyranoside'
5 non-polymer 'ACRYLIC ACID'
6 non-polymer 'ARACHIDONIC ACID'
7 water water
#
_entity_poly.entity_id   1
_entity_poly.type   'polypeptide(L)'
_entity_poly.pdbx_seq_one_letter_code
;HHHPCCSNPCQNRGECMSTGFDQYKCDCTRTGFYGENCTTPEFLTRIKLLLKPTPNTVHYILTHFKGVWNIVNNIPFLRS
LIMKYVLTSRSYLIDSPPTYNVHYGYKSWEAFSNLSYYTRALPPVADDCPTPMGVKGNKELPDSKEVLEKVLLRREFIPD
PQGSNMMFAFFAQHFTHQFFKTDHKRGPGFTRGLGHGVDLNHIYGETLDRQHKLRLFKDGKLKYQVIGGEVYPPTVKDTQ
VEMIYPPHIPENLQFAVGQEVFGLVPGLMMYATIWLREHNRVCDILKQEHPEWGDEQLFQTSRLILIGETIKIVIEDYIQ
HLSGYHFKLKFDPELLFNQQFQYQNRIASEFNTLYHWHPLLPDTFNIEDQEYSFKQFLYNNSILLEHGLTQFVESFTRQI
AGRVAGGRNVPIAVQAVAKASIDQSREMKYQSLNEYRKRFSLKPYTSFEELTGEKEMAAELKALYSDIDVMELYPALLVE
KPRPDAIFGETMVELGAPFSLKGLMGNPICSPQYWKPSTFGGEVGFKIINTASIQSLICNNVKGCPFTSFNV
;
_entity_poly.pdbx_strand_id   A,B
#
# COMPACT_ATOMS: atom_id res chain seq x y z
N HIS A 2 1.04 -34.60 14.03
CA HIS A 2 1.60 -33.29 13.74
C HIS A 2 1.23 -32.79 12.33
N HIS A 3 1.46 -31.50 12.06
CA HIS A 3 1.05 -30.91 10.79
C HIS A 3 1.69 -31.64 9.62
N PRO A 4 0.91 -32.06 8.62
CA PRO A 4 1.48 -32.85 7.51
C PRO A 4 2.42 -32.10 6.62
N CYS A 5 2.47 -30.77 6.69
CA CYS A 5 3.38 -30.00 5.87
C CYS A 5 4.73 -29.75 6.56
N CYS A 6 5.01 -30.44 7.68
CA CYS A 6 6.14 -30.06 8.51
C CYS A 6 7.47 -30.41 7.84
N SER A 7 7.46 -31.31 6.85
CA SER A 7 8.68 -31.66 6.14
C SER A 7 8.97 -30.74 4.96
N ASN A 8 8.13 -29.73 4.75
CA ASN A 8 8.27 -28.82 3.62
C ASN A 8 8.35 -29.58 2.28
N PRO A 9 7.37 -30.42 1.97
CA PRO A 9 7.52 -31.30 0.80
C PRO A 9 7.44 -30.59 -0.55
N CYS A 10 6.72 -29.46 -0.65
CA CYS A 10 6.49 -28.80 -1.94
C CYS A 10 7.70 -27.97 -2.37
N GLN A 11 8.15 -28.16 -3.61
CA GLN A 11 9.37 -27.52 -4.12
C GLN A 11 8.99 -26.45 -5.13
N ASN A 12 9.99 -25.65 -5.48
CA ASN A 12 9.90 -24.70 -6.59
C ASN A 12 8.78 -23.68 -6.39
N ARG A 13 8.60 -23.22 -5.15
CA ARG A 13 7.58 -22.24 -4.73
C ARG A 13 6.16 -22.79 -4.82
N GLY A 14 5.97 -24.11 -4.77
CA GLY A 14 4.64 -24.65 -4.56
C GLY A 14 4.17 -24.43 -3.12
N GLU A 15 2.86 -24.37 -2.94
CA GLU A 15 2.25 -24.08 -1.65
C GLU A 15 1.61 -25.33 -1.07
N CYS A 16 1.89 -25.62 0.19
CA CYS A 16 1.46 -26.83 0.87
C CYS A 16 0.22 -26.54 1.70
N MET A 17 -0.70 -27.50 1.74
CA MET A 17 -1.99 -27.35 2.40
C MET A 17 -2.35 -28.72 2.95
N SER A 18 -2.69 -28.79 4.23
CA SER A 18 -3.19 -30.05 4.78
C SER A 18 -4.55 -30.37 4.18
N THR A 19 -4.79 -31.65 3.93
CA THR A 19 -6.06 -32.13 3.38
C THR A 19 -6.69 -33.19 4.27
N GLY A 20 -6.31 -33.21 5.53
CA GLY A 20 -6.65 -34.26 6.45
C GLY A 20 -5.62 -34.22 7.56
N PHE A 21 -5.79 -35.14 8.52
CA PHE A 21 -4.87 -35.15 9.66
C PHE A 21 -3.46 -35.58 9.27
N ASP A 22 -3.32 -36.44 8.25
CA ASP A 22 -2.01 -36.96 7.86
C ASP A 22 -1.75 -36.84 6.37
N GLN A 23 -2.40 -35.90 5.68
CA GLN A 23 -2.27 -35.80 4.23
C GLN A 23 -2.08 -34.35 3.83
N TYR A 24 -1.41 -34.15 2.68
CA TYR A 24 -1.15 -32.82 2.17
C TYR A 24 -1.35 -32.79 0.66
N LYS A 25 -1.49 -31.58 0.12
CA LYS A 25 -1.49 -31.34 -1.31
C LYS A 25 -0.64 -30.11 -1.60
N CYS A 26 0.08 -30.13 -2.72
CA CYS A 26 0.86 -28.98 -3.18
C CYS A 26 0.14 -28.24 -4.30
N ASP A 27 0.16 -26.92 -4.22
CA ASP A 27 -0.47 -26.07 -5.23
C ASP A 27 0.67 -25.54 -6.11
N CYS A 28 0.75 -26.05 -7.34
CA CYS A 28 1.85 -25.74 -8.25
C CYS A 28 1.54 -24.59 -9.23
N THR A 29 0.42 -23.89 -9.02
CA THR A 29 0.00 -22.80 -9.90
C THR A 29 1.13 -21.83 -10.25
N ARG A 30 1.43 -21.71 -11.54
CA ARG A 30 2.39 -20.74 -12.09
C ARG A 30 3.81 -20.94 -11.57
N THR A 31 4.14 -22.14 -11.07
CA THR A 31 5.54 -22.41 -10.70
C THR A 31 6.38 -22.83 -11.90
N GLY A 32 5.75 -23.29 -12.97
CA GLY A 32 6.47 -23.92 -14.06
C GLY A 32 6.76 -25.38 -13.86
N PHE A 33 6.31 -25.96 -12.74
CA PHE A 33 6.42 -27.37 -12.44
C PHE A 33 5.04 -27.93 -12.14
N TYR A 34 4.93 -29.26 -12.16
CA TYR A 34 3.74 -29.97 -11.74
C TYR A 34 4.16 -31.29 -11.10
N GLY A 35 3.18 -32.12 -10.73
CA GLY A 35 3.45 -33.34 -10.00
C GLY A 35 3.14 -33.18 -8.52
N GLU A 36 3.20 -34.30 -7.80
CA GLU A 36 2.78 -34.30 -6.39
C GLU A 36 3.55 -33.27 -5.55
N ASN A 37 4.83 -33.03 -5.84
CA ASN A 37 5.66 -32.11 -5.06
C ASN A 37 6.13 -30.91 -5.88
N CYS A 38 5.51 -30.67 -7.05
CA CYS A 38 5.93 -29.65 -8.01
C CYS A 38 7.42 -29.79 -8.37
N THR A 39 7.84 -31.02 -8.71
CA THR A 39 9.21 -31.29 -9.12
C THR A 39 9.35 -31.67 -10.58
N THR A 40 8.26 -31.92 -11.29
CA THR A 40 8.33 -32.27 -12.71
C THR A 40 8.25 -31.02 -13.56
N PRO A 41 9.30 -30.69 -14.32
CA PRO A 41 9.31 -29.41 -15.05
C PRO A 41 8.55 -29.47 -16.37
N GLU A 42 7.90 -28.37 -16.71
CA GLU A 42 7.31 -28.26 -18.04
C GLU A 42 8.41 -28.15 -19.07
N PHE A 43 8.03 -28.27 -20.33
CA PHE A 43 9.03 -28.26 -21.40
C PHE A 43 9.78 -26.93 -21.43
N LEU A 44 9.03 -25.82 -21.50
CA LEU A 44 9.66 -24.50 -21.52
C LEU A 44 10.54 -24.29 -20.30
N THR A 45 10.13 -24.81 -19.14
CA THR A 45 10.96 -24.69 -17.95
C THR A 45 12.30 -25.40 -18.13
N ARG A 46 12.30 -26.56 -18.81
CA ARG A 46 13.55 -27.24 -19.09
C ARG A 46 14.51 -26.36 -19.88
N ILE A 47 14.01 -25.70 -20.93
CA ILE A 47 14.87 -24.84 -21.75
C ILE A 47 15.32 -23.62 -20.95
N LYS A 48 14.41 -23.02 -20.17
CA LYS A 48 14.77 -21.88 -19.36
C LYS A 48 15.84 -22.25 -18.35
N LEU A 49 15.76 -23.46 -17.79
CA LEU A 49 16.75 -23.89 -16.81
C LEU A 49 18.11 -24.20 -17.43
N LEU A 50 18.19 -24.36 -18.75
CA LEU A 50 19.46 -24.74 -19.33
C LEU A 50 20.22 -23.54 -19.89
N LEU A 51 19.61 -22.36 -19.84
CA LEU A 51 20.30 -21.13 -20.18
C LEU A 51 20.64 -20.27 -18.97
N LYS A 52 19.96 -20.47 -17.84
CA LYS A 52 20.19 -19.61 -16.68
C LYS A 52 21.59 -19.83 -16.15
N PRO A 53 22.46 -18.83 -16.19
CA PRO A 53 23.75 -18.95 -15.53
C PRO A 53 23.62 -18.74 -14.03
N THR A 54 24.52 -19.36 -13.29
CA THR A 54 24.48 -19.29 -11.83
C THR A 54 24.82 -17.88 -11.33
N PRO A 55 24.39 -17.55 -10.11
CA PRO A 55 24.84 -16.28 -9.49
C PRO A 55 26.35 -16.15 -9.42
N ASN A 56 27.09 -17.25 -9.20
CA ASN A 56 28.55 -17.12 -9.10
C ASN A 56 29.18 -16.86 -10.46
N THR A 57 28.57 -17.36 -11.54
CA THR A 57 29.05 -17.04 -12.88
C THR A 57 28.78 -15.58 -13.23
N VAL A 58 27.59 -15.09 -12.89
CA VAL A 58 27.25 -13.70 -13.15
C VAL A 58 28.16 -12.76 -12.35
N HIS A 59 28.42 -13.12 -11.09
CA HIS A 59 29.30 -12.29 -10.26
C HIS A 59 30.70 -12.22 -10.86
N TYR A 60 31.24 -13.37 -11.31
CA TYR A 60 32.55 -13.39 -11.95
C TYR A 60 32.59 -12.43 -13.14
N ILE A 61 31.53 -12.43 -13.95
CA ILE A 61 31.48 -11.59 -15.14
C ILE A 61 31.49 -10.11 -14.75
N LEU A 62 30.71 -9.75 -13.73
CA LEU A 62 30.60 -8.36 -13.32
C LEU A 62 31.85 -7.84 -12.62
N THR A 63 32.74 -8.72 -12.17
CA THR A 63 33.95 -8.31 -11.46
C THR A 63 35.22 -8.60 -12.25
N HIS A 64 35.09 -8.86 -13.55
CA HIS A 64 36.23 -9.03 -14.45
C HIS A 64 35.95 -8.26 -15.73
N PHE A 65 36.87 -8.36 -16.69
CA PHE A 65 36.73 -7.75 -18.01
C PHE A 65 36.53 -6.23 -17.92
N LYS A 66 37.38 -5.57 -17.10
CA LYS A 66 37.16 -4.16 -16.81
C LYS A 66 37.26 -3.30 -18.07
N GLY A 67 38.09 -3.72 -19.04
CA GLY A 67 38.15 -3.01 -20.30
C GLY A 67 36.82 -2.96 -21.03
N VAL A 68 36.03 -4.03 -20.92
CA VAL A 68 34.71 -4.04 -21.55
C VAL A 68 33.76 -3.13 -20.80
N TRP A 69 33.83 -3.15 -19.46
CA TRP A 69 32.90 -2.36 -18.66
C TRP A 69 33.19 -0.87 -18.77
N ASN A 70 34.42 -0.50 -19.14
CA ASN A 70 34.72 0.92 -19.28
C ASN A 70 34.11 1.49 -20.55
N ILE A 71 33.90 0.65 -21.57
CA ILE A 71 33.09 1.06 -22.70
C ILE A 71 31.61 1.12 -22.32
N VAL A 72 31.11 0.03 -21.72
CA VAL A 72 29.69 -0.04 -21.33
C VAL A 72 29.32 1.16 -20.47
N ASN A 73 30.13 1.43 -19.44
CA ASN A 73 29.82 2.51 -18.53
C ASN A 73 29.76 3.87 -19.22
N ASN A 74 30.39 4.00 -20.39
CA ASN A 74 30.44 5.28 -21.08
C ASN A 74 29.59 5.35 -22.34
N ILE A 75 28.72 4.39 -22.60
CA ILE A 75 27.69 4.55 -23.62
C ILE A 75 26.32 4.42 -22.97
N PRO A 76 25.64 5.54 -22.74
CA PRO A 76 24.41 5.54 -21.93
C PRO A 76 23.37 4.52 -22.37
N PHE A 77 23.20 4.30 -23.67
CA PHE A 77 22.25 3.29 -24.11
C PHE A 77 22.60 1.93 -23.53
N LEU A 78 23.89 1.57 -23.54
CA LEU A 78 24.32 0.28 -23.03
C LEU A 78 24.20 0.21 -21.51
N ARG A 79 24.62 1.27 -20.82
CA ARG A 79 24.56 1.25 -19.36
C ARG A 79 23.14 1.06 -18.88
N SER A 80 22.17 1.73 -19.52
CA SER A 80 20.78 1.58 -19.08
C SER A 80 20.26 0.20 -19.41
N LEU A 81 20.72 -0.39 -20.51
CA LEU A 81 20.29 -1.75 -20.87
C LEU A 81 20.75 -2.77 -19.82
N ILE A 82 21.98 -2.64 -19.34
CA ILE A 82 22.47 -3.57 -18.34
C ILE A 82 21.79 -3.34 -17.00
N MET A 83 21.63 -2.08 -16.59
CA MET A 83 20.94 -1.78 -15.34
C MET A 83 19.47 -2.23 -15.39
N LYS A 84 18.82 -2.12 -16.55
CA LYS A 84 17.44 -2.63 -16.65
C LYS A 84 17.40 -4.13 -16.41
N TYR A 85 18.37 -4.87 -16.94
CA TYR A 85 18.45 -6.31 -16.66
C TYR A 85 18.73 -6.56 -15.18
N VAL A 86 19.65 -5.79 -14.58
CA VAL A 86 19.97 -5.96 -13.17
C VAL A 86 18.73 -5.83 -12.31
N LEU A 87 17.87 -4.87 -12.63
CA LEU A 87 16.65 -4.62 -11.84
C LEU A 87 15.61 -5.71 -12.06
N THR A 88 15.36 -6.09 -13.32
CA THR A 88 14.24 -7.00 -13.59
C THR A 88 14.60 -8.46 -13.29
N SER A 89 15.88 -8.82 -13.34
CA SER A 89 16.26 -10.19 -13.01
C SER A 89 15.88 -10.55 -11.58
N ARG A 90 16.00 -9.60 -10.66
CA ARG A 90 15.78 -9.86 -9.24
C ARG A 90 14.37 -9.50 -8.79
N SER A 91 13.44 -9.30 -9.74
CA SER A 91 12.12 -8.82 -9.37
C SER A 91 11.22 -9.94 -8.86
N TYR A 92 11.12 -11.02 -9.62
CA TYR A 92 10.14 -12.08 -9.39
C TYR A 92 10.28 -12.78 -8.03
N LEU A 93 11.24 -12.37 -7.20
CA LEU A 93 11.56 -13.13 -6.00
C LEU A 93 10.74 -12.74 -4.77
N ILE A 94 10.23 -11.51 -4.69
CA ILE A 94 9.56 -11.03 -3.48
C ILE A 94 8.05 -11.05 -3.69
N ASP A 95 7.32 -11.61 -2.72
CA ASP A 95 5.85 -11.55 -2.73
C ASP A 95 5.38 -10.11 -2.51
N SER A 96 4.66 -9.53 -3.46
CA SER A 96 4.21 -8.14 -3.31
C SER A 96 2.92 -7.91 -4.10
N PRO A 97 1.76 -7.71 -3.46
CA PRO A 97 1.46 -7.61 -2.01
C PRO A 97 2.00 -8.77 -1.16
N PRO A 98 2.35 -8.49 0.09
CA PRO A 98 3.03 -9.49 0.93
C PRO A 98 2.07 -10.56 1.45
N THR A 99 2.65 -11.64 1.99
CA THR A 99 1.90 -12.82 2.39
C THR A 99 2.04 -13.15 3.89
N TYR A 100 2.99 -14.01 4.26
CA TYR A 100 3.08 -14.62 5.60
C TYR A 100 3.66 -13.66 6.64
N ASN A 101 3.50 -14.01 7.92
CA ASN A 101 4.22 -13.35 9.02
C ASN A 101 4.39 -14.37 10.17
N VAL A 102 4.92 -13.91 11.31
CA VAL A 102 5.26 -14.85 12.38
C VAL A 102 4.05 -15.61 12.91
N HIS A 103 2.84 -15.05 12.78
CA HIS A 103 1.68 -15.75 13.32
C HIS A 103 0.85 -16.49 12.28
N TYR A 104 1.14 -16.33 10.99
CA TYR A 104 0.33 -16.89 9.91
C TYR A 104 1.22 -17.60 8.89
N GLY A 105 1.15 -18.93 8.86
CA GLY A 105 1.73 -19.78 7.85
C GLY A 105 0.85 -20.03 6.64
N TYR A 106 -0.34 -19.43 6.61
CA TYR A 106 -1.21 -19.38 5.45
C TYR A 106 -1.59 -17.92 5.22
N LYS A 107 -1.98 -17.59 3.99
CA LYS A 107 -2.37 -16.21 3.69
C LYS A 107 -3.68 -15.88 4.40
N SER A 108 -3.78 -14.67 4.94
CA SER A 108 -4.97 -14.24 5.66
C SER A 108 -5.10 -12.72 5.57
N TRP A 109 -6.33 -12.23 5.75
CA TRP A 109 -6.52 -10.78 5.75
C TRP A 109 -5.80 -10.10 6.93
N GLU A 110 -5.70 -10.79 8.07
CA GLU A 110 -4.95 -10.23 9.20
C GLU A 110 -3.48 -10.04 8.83
N ALA A 111 -2.88 -11.05 8.19
CA ALA A 111 -1.49 -10.95 7.77
C ALA A 111 -1.29 -9.87 6.71
N PHE A 112 -2.20 -9.77 5.72
CA PHE A 112 -2.02 -8.69 4.73
C PHE A 112 -2.12 -7.30 5.36
N SER A 113 -3.08 -7.08 6.27
CA SER A 113 -3.48 -5.71 6.63
C SER A 113 -2.81 -5.17 7.88
N ASN A 114 -2.31 -6.02 8.79
CA ASN A 114 -1.72 -5.52 10.02
C ASN A 114 -0.27 -5.08 9.76
N LEU A 115 -0.05 -3.75 9.67
CA LEU A 115 1.27 -3.19 9.38
C LEU A 115 2.25 -3.28 10.53
N SER A 116 1.79 -3.71 11.72
CA SER A 116 2.68 -3.83 12.87
C SER A 116 3.55 -5.08 12.84
N TYR A 117 3.32 -5.99 11.90
CA TYR A 117 4.18 -7.16 11.71
C TYR A 117 5.28 -6.87 10.68
N TYR A 118 6.46 -7.44 10.90
CA TYR A 118 7.35 -7.73 9.77
C TYR A 118 6.70 -8.81 8.92
N THR A 119 6.84 -8.73 7.61
CA THR A 119 6.37 -9.82 6.76
C THR A 119 7.44 -10.94 6.74
N ARG A 120 7.09 -12.09 6.15
CA ARG A 120 8.00 -13.26 6.13
C ARG A 120 8.11 -13.81 4.72
N ALA A 121 9.35 -14.03 4.28
CA ALA A 121 9.60 -14.62 2.96
C ALA A 121 9.36 -16.12 2.93
N LEU A 122 9.56 -16.83 4.04
CA LEU A 122 9.10 -18.20 4.21
C LEU A 122 8.20 -18.28 5.45
N PRO A 123 7.15 -19.08 5.42
CA PRO A 123 6.26 -19.20 6.57
C PRO A 123 6.98 -19.88 7.74
N PRO A 124 6.55 -19.63 8.97
CA PRO A 124 7.18 -20.28 10.11
C PRO A 124 6.90 -21.77 10.16
N VAL A 125 7.84 -22.50 10.77
CA VAL A 125 7.60 -23.90 11.12
C VAL A 125 6.43 -23.98 12.08
N ALA A 126 5.51 -24.90 11.82
CA ALA A 126 4.31 -25.01 12.64
C ALA A 126 4.65 -25.44 14.06
N ASP A 127 3.75 -25.12 14.98
CA ASP A 127 4.03 -25.23 16.40
C ASP A 127 4.18 -26.67 16.88
N ASP A 128 3.56 -27.63 16.19
CA ASP A 128 3.57 -29.00 16.68
C ASP A 128 4.53 -29.91 15.91
N CYS A 129 5.43 -29.34 15.11
CA CYS A 129 6.35 -30.18 14.35
C CYS A 129 7.31 -30.90 15.30
N PRO A 130 7.78 -32.10 14.93
CA PRO A 130 8.58 -32.88 15.88
C PRO A 130 9.99 -32.35 16.09
N THR A 131 10.57 -31.58 15.18
CA THR A 131 11.88 -30.97 15.40
C THR A 131 11.80 -29.48 15.11
N PRO A 132 12.77 -28.69 15.60
CA PRO A 132 12.71 -27.25 15.37
C PRO A 132 12.67 -26.86 13.91
N MET A 133 13.35 -27.59 13.03
CA MET A 133 13.34 -27.28 11.60
C MET A 133 12.25 -28.02 10.83
N GLY A 134 11.41 -28.80 11.51
CA GLY A 134 10.34 -29.53 10.83
C GLY A 134 10.32 -30.99 11.25
N VAL A 135 11.01 -31.84 10.49
CA VAL A 135 11.14 -33.26 10.83
C VAL A 135 12.58 -33.72 10.93
N LYS A 136 13.54 -33.02 10.33
CA LYS A 136 14.95 -33.41 10.30
C LYS A 136 15.69 -32.90 11.54
N GLY A 137 16.83 -33.51 11.81
CA GLY A 137 17.67 -33.08 12.90
C GLY A 137 17.28 -33.66 14.25
N ASN A 138 17.88 -33.10 15.28
CA ASN A 138 17.63 -33.54 16.64
C ASN A 138 16.45 -32.80 17.27
N LYS A 139 16.05 -33.27 18.45
CA LYS A 139 14.89 -32.71 19.13
C LYS A 139 15.13 -31.27 19.60
N GLU A 140 16.39 -30.91 19.84
CA GLU A 140 16.73 -29.53 20.18
C GLU A 140 17.93 -29.10 19.34
N LEU A 141 17.89 -27.85 18.91
CA LEU A 141 19.03 -27.25 18.23
C LEU A 141 20.17 -27.09 19.23
N PRO A 142 21.42 -26.97 18.75
CA PRO A 142 22.54 -26.82 19.69
C PRO A 142 22.45 -25.51 20.47
N ASP A 143 23.04 -25.53 21.66
CA ASP A 143 23.07 -24.36 22.54
C ASP A 143 23.64 -23.14 21.81
N SER A 144 22.90 -22.03 21.86
CA SER A 144 23.30 -20.85 21.11
C SER A 144 24.61 -20.24 21.61
N LYS A 145 24.91 -20.37 22.90
CA LYS A 145 26.19 -19.87 23.39
C LYS A 145 27.36 -20.66 22.80
N GLU A 146 27.21 -21.98 22.63
CA GLU A 146 28.29 -22.77 22.05
C GLU A 146 28.49 -22.45 20.56
N VAL A 147 27.41 -22.23 19.82
CA VAL A 147 27.54 -21.81 18.43
C VAL A 147 28.29 -20.48 18.36
N LEU A 148 27.81 -19.50 19.11
CA LEU A 148 28.43 -18.18 19.19
C LEU A 148 29.93 -18.30 19.50
N GLU A 149 30.28 -19.04 20.54
CA GLU A 149 31.67 -19.12 20.96
C GLU A 149 32.53 -19.88 19.95
N LYS A 150 32.03 -20.98 19.42
CA LYS A 150 32.89 -21.85 18.62
C LYS A 150 33.19 -21.27 17.23
N VAL A 151 32.25 -20.54 16.62
CA VAL A 151 32.43 -20.12 15.23
C VAL A 151 32.14 -18.65 14.96
N LEU A 152 31.62 -17.90 15.95
CA LEU A 152 31.25 -16.50 15.71
C LEU A 152 32.16 -15.46 16.37
N LEU A 153 32.65 -15.71 17.59
CA LEU A 153 33.37 -14.68 18.33
C LEU A 153 34.73 -14.38 17.70
N ARG A 154 35.10 -13.09 17.70
CA ARG A 154 36.35 -12.66 17.09
C ARG A 154 37.55 -13.13 17.93
N ARG A 155 38.53 -13.75 17.28
CA ARG A 155 39.80 -14.05 17.95
C ARG A 155 40.75 -12.88 17.71
N GLU A 156 41.33 -12.83 16.53
CA GLU A 156 42.03 -11.65 16.03
C GLU A 156 41.13 -10.91 15.04
N PHE A 157 41.24 -9.58 15.05
CA PHE A 157 40.47 -8.74 14.12
C PHE A 157 40.80 -9.10 12.67
N ILE A 158 39.77 -9.39 11.88
CA ILE A 158 39.92 -9.70 10.46
C ILE A 158 39.42 -8.50 9.66
N PRO A 159 40.29 -7.77 8.95
CA PRO A 159 39.82 -6.60 8.19
C PRO A 159 39.08 -6.99 6.93
N ASP A 160 38.16 -6.13 6.50
CA ASP A 160 37.43 -6.37 5.25
C ASP A 160 38.36 -6.22 4.05
N PRO A 161 38.56 -7.25 3.23
CA PRO A 161 39.45 -7.10 2.07
C PRO A 161 38.92 -6.16 1.00
N GLN A 162 37.60 -5.87 0.96
CA GLN A 162 37.08 -4.91 0.00
C GLN A 162 37.33 -3.47 0.42
N GLY A 163 37.88 -3.25 1.60
CA GLY A 163 38.28 -1.91 2.00
C GLY A 163 37.18 -1.04 2.59
N SER A 164 36.07 -1.63 3.04
CA SER A 164 35.01 -0.83 3.67
C SER A 164 35.54 -0.14 4.93
N ASN A 165 35.11 1.11 5.15
CA ASN A 165 35.62 1.93 6.25
C ASN A 165 34.50 2.25 7.26
N MET A 166 34.82 3.09 8.24
CA MET A 166 33.83 3.42 9.26
C MET A 166 32.77 4.42 8.76
N MET A 167 33.08 5.20 7.73
CA MET A 167 32.00 5.96 7.08
C MET A 167 30.94 5.01 6.53
N PHE A 168 31.37 3.90 5.91
CA PHE A 168 30.44 2.90 5.39
C PHE A 168 29.64 2.24 6.51
N ALA A 169 30.32 1.81 7.57
CA ALA A 169 29.65 1.03 8.61
C ALA A 169 28.59 1.84 9.35
N PHE A 170 28.90 3.11 9.66
CA PHE A 170 27.93 3.95 10.36
C PHE A 170 26.81 4.40 9.43
N PHE A 171 27.11 4.58 8.13
CA PHE A 171 26.03 4.83 7.18
C PHE A 171 25.07 3.64 7.12
N ALA A 172 25.62 2.42 7.13
CA ALA A 172 24.78 1.24 7.16
C ALA A 172 23.89 1.23 8.38
N GLN A 173 24.44 1.56 9.55
CA GLN A 173 23.62 1.55 10.75
C GLN A 173 22.57 2.66 10.72
N HIS A 174 22.98 3.87 10.33
CA HIS A 174 22.06 5.01 10.32
C HIS A 174 20.90 4.79 9.35
N PHE A 175 21.22 4.35 8.13
CA PHE A 175 20.23 4.18 7.08
C PHE A 175 19.22 3.08 7.43
N THR A 176 19.70 1.90 7.82
CA THR A 176 18.77 0.77 8.01
C THR A 176 17.89 0.93 9.24
N HIS A 177 18.32 1.73 10.22
CA HIS A 177 17.48 1.84 11.41
C HIS A 177 16.30 2.81 11.23
N GLN A 178 16.04 3.29 10.01
CA GLN A 178 14.73 3.86 9.77
C GLN A 178 13.67 2.80 9.47
N PHE A 179 14.06 1.63 8.96
CA PHE A 179 13.04 0.62 8.68
C PHE A 179 13.20 -0.70 9.46
N PHE A 180 14.30 -0.90 10.19
CA PHE A 180 14.40 -1.97 11.19
C PHE A 180 14.24 -1.29 12.56
N LYS A 181 13.04 -1.36 13.13
CA LYS A 181 12.73 -0.69 14.40
C LYS A 181 11.85 -1.62 15.21
N THR A 182 12.46 -2.68 15.75
CA THR A 182 11.73 -3.77 16.36
C THR A 182 10.99 -3.31 17.61
N ASP A 183 9.71 -3.72 17.74
CA ASP A 183 8.85 -3.32 18.86
C ASP A 183 8.97 -4.36 19.96
N HIS A 184 9.95 -4.18 20.84
CA HIS A 184 10.26 -5.24 21.79
C HIS A 184 9.17 -5.41 22.84
N LYS A 185 8.27 -4.43 23.00
CA LYS A 185 7.09 -4.66 23.83
C LYS A 185 6.24 -5.81 23.31
N ARG A 186 6.14 -5.96 21.99
CA ARG A 186 5.32 -6.99 21.35
C ARG A 186 6.09 -8.25 20.99
N GLY A 187 7.33 -8.14 20.54
CA GLY A 187 8.08 -9.32 20.18
C GLY A 187 8.95 -9.09 18.98
N PRO A 188 9.87 -10.03 18.71
CA PRO A 188 10.83 -9.82 17.60
C PRO A 188 10.20 -9.81 16.22
N GLY A 189 9.00 -10.35 16.06
CA GLY A 189 8.34 -10.26 14.78
C GLY A 189 7.52 -9.00 14.55
N PHE A 190 7.61 -7.99 15.41
CA PHE A 190 6.82 -6.77 15.28
C PHE A 190 7.72 -5.56 15.03
N THR A 191 7.21 -4.58 14.29
CA THR A 191 8.00 -3.38 13.98
C THR A 191 7.24 -2.13 14.40
N ARG A 192 7.99 -1.07 14.71
CA ARG A 192 7.44 0.26 14.95
C ARG A 192 7.54 1.16 13.73
N GLY A 193 8.16 0.70 12.65
CA GLY A 193 8.27 1.49 11.44
C GLY A 193 7.15 1.23 10.47
N LEU A 194 6.00 1.88 10.67
CA LEU A 194 4.80 1.58 9.90
C LEU A 194 4.88 2.04 8.46
N GLY A 195 5.85 2.90 8.10
CA GLY A 195 6.08 3.25 6.72
C GLY A 195 6.74 2.15 5.90
N HIS A 196 7.39 1.18 6.57
CA HIS A 196 7.97 0.00 5.89
C HIS A 196 8.94 0.38 4.76
N GLY A 197 9.82 1.36 4.99
CA GLY A 197 10.72 1.75 3.90
C GLY A 197 11.48 3.05 4.14
N VAL A 198 11.86 3.69 3.03
CA VAL A 198 12.74 4.87 3.07
C VAL A 198 11.84 6.10 3.12
N ASP A 199 11.33 6.40 4.33
CA ASP A 199 10.55 7.62 4.56
C ASP A 199 11.31 8.68 5.36
N LEU A 200 12.54 8.39 5.79
CA LEU A 200 13.36 9.32 6.56
C LEU A 200 12.70 9.69 7.90
N ASN A 201 11.93 8.78 8.48
CA ASN A 201 11.42 8.99 9.84
C ASN A 201 12.56 9.10 10.87
N HIS A 202 13.75 8.59 10.56
CA HIS A 202 14.85 8.71 11.52
C HIS A 202 15.40 10.12 11.56
N ILE A 203 14.99 10.97 10.64
CA ILE A 203 15.28 12.39 10.67
C ILE A 203 14.06 13.19 11.12
N TYR A 204 12.87 12.85 10.63
CA TYR A 204 11.70 13.69 10.86
C TYR A 204 10.77 13.14 11.93
N GLY A 205 10.96 11.90 12.35
CA GLY A 205 10.07 11.36 13.37
C GLY A 205 8.97 10.48 12.78
N GLU A 206 8.57 9.47 13.54
CA GLU A 206 7.59 8.53 13.02
C GLU A 206 6.18 9.13 13.05
N THR A 207 5.88 9.97 14.03
CA THR A 207 4.56 10.56 14.17
C THR A 207 4.60 12.05 13.87
N LEU A 208 3.42 12.57 13.51
CA LEU A 208 3.24 14.00 13.26
C LEU A 208 3.52 14.80 14.53
N ASP A 209 3.10 14.29 15.68
CA ASP A 209 3.39 15.00 16.93
C ASP A 209 4.88 15.17 17.15
N ARG A 210 5.67 14.12 16.86
CA ARG A 210 7.12 14.22 17.02
C ARG A 210 7.72 15.14 15.97
N GLN A 211 7.29 15.02 14.72
CA GLN A 211 7.77 15.91 13.66
C GLN A 211 7.55 17.39 14.02
N HIS A 212 6.37 17.73 14.52
CA HIS A 212 6.10 19.14 14.78
C HIS A 212 6.94 19.68 15.93
N LYS A 213 7.33 18.82 16.86
CA LYS A 213 8.25 19.25 17.92
C LYS A 213 9.67 19.46 17.41
N LEU A 214 10.05 18.83 16.31
CA LEU A 214 11.39 18.97 15.74
C LEU A 214 11.50 20.11 14.74
N ARG A 215 10.38 20.66 14.29
CA ARG A 215 10.36 21.65 13.23
C ARG A 215 10.44 23.08 13.78
N LEU A 216 11.09 23.96 13.04
CA LEU A 216 11.17 25.36 13.44
C LEU A 216 9.90 26.13 13.11
N PHE A 217 9.18 25.73 12.07
CA PHE A 217 8.01 26.43 11.52
C PHE A 217 8.36 27.81 10.98
N LYS A 218 9.62 28.02 10.59
CA LYS A 218 10.00 29.14 9.74
C LYS A 218 10.86 28.59 8.60
N ASP A 219 10.53 28.95 7.35
CA ASP A 219 11.32 28.65 6.15
C ASP A 219 11.45 27.16 5.84
N GLY A 220 10.54 26.32 6.35
CA GLY A 220 10.58 24.88 6.17
C GLY A 220 11.57 24.12 7.02
N LYS A 221 12.27 24.79 7.95
CA LYS A 221 13.48 24.25 8.54
C LYS A 221 13.19 23.43 9.79
N LEU A 222 14.21 22.66 10.19
CA LEU A 222 14.28 21.93 11.44
C LEU A 222 14.96 22.76 12.52
N LYS A 223 14.51 22.61 13.77
CA LYS A 223 15.17 23.30 14.87
C LYS A 223 16.61 22.82 15.02
N TYR A 224 17.45 23.70 15.59
CA TYR A 224 18.86 23.39 15.78
C TYR A 224 19.40 24.27 16.89
N GLN A 225 20.63 23.98 17.33
CA GLN A 225 21.38 24.83 18.23
C GLN A 225 22.77 25.03 17.65
N VAL A 226 23.50 26.01 18.18
CA VAL A 226 24.84 26.35 17.71
C VAL A 226 25.79 26.33 18.91
N ILE A 227 26.76 25.42 18.89
CA ILE A 227 27.72 25.28 19.98
C ILE A 227 29.10 25.49 19.38
N GLY A 228 29.81 26.48 19.91
CA GLY A 228 31.11 26.85 19.36
C GLY A 228 31.07 27.20 17.90
N GLY A 229 30.00 27.86 17.44
CA GLY A 229 29.88 28.24 16.05
C GLY A 229 29.50 27.14 15.08
N GLU A 230 29.15 25.94 15.57
CA GLU A 230 28.79 24.80 14.73
C GLU A 230 27.34 24.40 14.98
N VAL A 231 26.65 23.97 13.91
CA VAL A 231 25.24 23.60 13.96
C VAL A 231 25.09 22.14 14.36
N TYR A 232 24.37 21.88 15.44
CA TYR A 232 24.04 20.55 15.94
C TYR A 232 22.53 20.44 16.10
N PRO A 233 22.02 19.23 16.33
CA PRO A 233 20.59 19.06 16.64
C PRO A 233 20.21 19.71 17.96
N PRO A 234 18.93 20.04 18.16
CA PRO A 234 18.52 20.71 19.41
C PRO A 234 18.42 19.71 20.58
N THR A 235 18.17 20.25 21.77
CA THR A 235 18.13 19.44 22.98
C THR A 235 16.74 18.85 23.27
N VAL A 236 16.75 17.80 24.11
CA VAL A 236 15.52 17.20 24.60
C VAL A 236 14.71 18.22 25.41
N LYS A 237 15.38 19.02 26.23
CA LYS A 237 14.68 19.98 27.07
C LYS A 237 14.01 21.10 26.26
N ASP A 238 14.62 21.50 25.15
CA ASP A 238 14.06 22.58 24.34
C ASP A 238 12.91 22.12 23.44
N THR A 239 12.95 20.88 22.95
CA THR A 239 11.94 20.42 22.00
C THR A 239 10.85 19.59 22.66
N GLN A 240 11.11 19.04 23.85
CA GLN A 240 10.25 18.09 24.55
C GLN A 240 10.11 16.76 23.79
N VAL A 241 11.11 16.42 22.98
CA VAL A 241 11.13 15.18 22.23
C VAL A 241 11.80 14.09 23.07
N GLU A 242 11.15 12.93 23.19
CA GLU A 242 11.69 11.84 23.99
C GLU A 242 12.89 11.16 23.31
N MET A 243 13.96 10.92 24.07
CA MET A 243 15.14 10.18 23.61
C MET A 243 15.58 9.18 24.68
N ILE A 244 16.37 8.19 24.25
CA ILE A 244 16.94 7.20 25.17
C ILE A 244 18.34 7.66 25.56
N TYR A 245 18.51 8.12 26.80
CA TYR A 245 19.81 8.55 27.32
C TYR A 245 19.97 8.07 28.76
N PRO A 246 21.18 7.65 29.14
CA PRO A 246 21.44 7.42 30.56
C PRO A 246 21.22 8.70 31.35
N PRO A 247 20.86 8.58 32.63
CA PRO A 247 20.49 9.79 33.40
C PRO A 247 21.64 10.76 33.62
N HIS A 248 22.89 10.35 33.39
CA HIS A 248 24.04 11.19 33.71
C HIS A 248 24.49 12.10 32.57
N ILE A 249 23.77 12.12 31.45
CA ILE A 249 24.17 12.90 30.28
C ILE A 249 23.83 14.36 30.51
N PRO A 250 24.76 15.29 30.28
CA PRO A 250 24.47 16.73 30.45
C PRO A 250 23.38 17.22 29.51
N GLU A 251 22.68 18.27 29.95
CA GLU A 251 21.51 18.77 29.24
C GLU A 251 21.81 19.07 27.78
N ASN A 252 22.94 19.72 27.49
CA ASN A 252 23.17 20.13 26.11
C ASN A 252 23.73 19.01 25.24
N LEU A 253 24.12 17.88 25.82
CA LEU A 253 24.47 16.71 25.01
C LEU A 253 23.30 15.76 24.79
N GLN A 254 22.10 16.09 25.29
CA GLN A 254 20.92 15.27 25.02
C GLN A 254 20.27 15.77 23.73
N PHE A 255 20.86 15.36 22.61
CA PHE A 255 20.39 15.75 21.29
C PHE A 255 19.09 15.05 20.94
N ALA A 256 18.20 15.78 20.27
CA ALA A 256 16.91 15.26 19.84
C ALA A 256 16.85 15.17 18.32
N VAL A 257 16.61 13.97 17.81
CA VAL A 257 16.49 13.74 16.38
C VAL A 257 15.32 12.78 16.16
N GLY A 258 15.07 12.44 14.89
CA GLY A 258 13.89 11.65 14.56
C GLY A 258 13.86 10.29 15.22
N GLN A 259 15.01 9.62 15.29
CA GLN A 259 15.08 8.27 15.84
C GLN A 259 15.55 8.34 17.30
N GLU A 260 14.75 7.74 18.20
CA GLU A 260 14.94 7.82 19.64
C GLU A 260 16.24 7.20 20.16
N VAL A 261 16.91 6.33 19.40
CA VAL A 261 18.11 5.67 19.92
C VAL A 261 19.40 6.24 19.35
N PHE A 262 19.35 7.26 18.50
CA PHE A 262 20.57 7.69 17.81
C PHE A 262 21.58 8.40 18.74
N GLY A 263 21.19 8.76 19.96
CA GLY A 263 22.18 9.24 20.92
C GLY A 263 23.12 8.17 21.44
N LEU A 264 22.91 6.90 21.06
CA LEU A 264 23.69 5.79 21.58
C LEU A 264 25.13 5.81 21.08
N VAL A 265 25.35 6.25 19.85
CA VAL A 265 26.66 6.13 19.22
C VAL A 265 27.01 7.49 18.63
N PRO A 266 28.19 8.06 18.92
CA PRO A 266 28.55 9.33 18.27
C PRO A 266 28.63 9.20 16.75
N GLY A 267 28.93 8.01 16.22
CA GLY A 267 28.89 7.81 14.77
C GLY A 267 27.48 7.98 14.19
N LEU A 268 26.44 7.62 14.94
CA LEU A 268 25.09 7.88 14.46
C LEU A 268 24.71 9.35 14.58
N MET A 269 25.17 10.03 15.63
CA MET A 269 24.91 11.46 15.73
C MET A 269 25.64 12.26 14.64
N MET A 270 26.78 11.75 14.16
CA MET A 270 27.49 12.41 13.07
C MET A 270 26.62 12.48 11.82
N TYR A 271 26.01 11.36 11.43
CA TYR A 271 25.12 11.36 10.27
C TYR A 271 23.81 12.11 10.56
N ALA A 272 23.30 12.03 11.78
CA ALA A 272 22.10 12.79 12.12
C ALA A 272 22.34 14.29 11.95
N THR A 273 23.50 14.78 12.41
CA THR A 273 23.86 16.18 12.22
C THR A 273 24.03 16.53 10.75
N ILE A 274 24.73 15.66 9.99
CA ILE A 274 24.95 15.92 8.57
C ILE A 274 23.61 16.05 7.84
N TRP A 275 22.67 15.12 8.09
CA TRP A 275 21.41 15.15 7.36
C TRP A 275 20.50 16.31 7.81
N LEU A 276 20.55 16.70 9.08
CA LEU A 276 19.80 17.89 9.51
C LEU A 276 20.27 19.13 8.78
N ARG A 277 21.60 19.30 8.65
CA ARG A 277 22.15 20.43 7.89
C ARG A 277 21.72 20.38 6.43
N GLU A 278 21.70 19.19 5.82
CA GLU A 278 21.28 19.08 4.42
C GLU A 278 19.83 19.53 4.22
N HIS A 279 18.93 19.16 5.13
CA HIS A 279 17.53 19.60 5.01
C HIS A 279 17.43 21.12 5.03
N ASN A 280 18.10 21.76 5.98
CA ASN A 280 18.01 23.22 6.10
C ASN A 280 18.73 23.92 4.94
N ARG A 281 19.74 23.27 4.35
CA ARG A 281 20.39 23.79 3.15
C ARG A 281 19.45 23.75 1.96
N VAL A 282 18.73 22.65 1.78
CA VAL A 282 17.79 22.54 0.69
C VAL A 282 16.62 23.52 0.88
N CYS A 283 16.22 23.80 2.12
CA CYS A 283 15.23 24.86 2.35
C CYS A 283 15.73 26.20 1.84
N ASP A 284 16.99 26.55 2.12
CA ASP A 284 17.56 27.80 1.61
C ASP A 284 17.46 27.86 0.10
N ILE A 285 17.78 26.76 -0.58
CA ILE A 285 17.75 26.72 -2.04
C ILE A 285 16.31 26.91 -2.54
N LEU A 286 15.35 26.20 -1.94
CA LEU A 286 13.97 26.33 -2.40
C LEU A 286 13.40 27.71 -2.11
N LYS A 287 13.81 28.36 -1.01
CA LYS A 287 13.31 29.70 -0.73
C LYS A 287 13.72 30.69 -1.80
N GLN A 288 14.96 30.59 -2.31
CA GLN A 288 15.37 31.51 -3.34
C GLN A 288 14.72 31.17 -4.68
N GLU A 289 14.40 29.90 -4.92
CA GLU A 289 13.65 29.55 -6.12
C GLU A 289 12.18 29.95 -6.03
N HIS A 290 11.58 29.92 -4.84
CA HIS A 290 10.15 30.19 -4.66
C HIS A 290 9.95 31.14 -3.48
N PRO A 291 10.22 32.44 -3.67
CA PRO A 291 9.95 33.39 -2.58
C PRO A 291 8.48 33.43 -2.17
N GLU A 292 7.57 32.96 -3.01
CA GLU A 292 6.14 32.95 -2.70
C GLU A 292 5.70 31.77 -1.82
N TRP A 293 6.54 30.75 -1.62
CA TRP A 293 6.11 29.57 -0.88
C TRP A 293 6.10 29.82 0.63
N GLY A 294 5.21 29.11 1.34
CA GLY A 294 5.18 29.16 2.79
C GLY A 294 5.98 28.04 3.45
N ASP A 295 5.97 28.06 4.79
CA ASP A 295 6.78 27.13 5.59
C ASP A 295 6.39 25.67 5.34
N GLU A 296 5.09 25.37 5.27
CA GLU A 296 4.65 23.97 5.12
C GLU A 296 5.15 23.37 3.80
N GLN A 297 4.96 24.07 2.67
CA GLN A 297 5.40 23.55 1.38
C GLN A 297 6.93 23.46 1.28
N LEU A 298 7.65 24.42 1.89
CA LEU A 298 9.11 24.32 1.92
C LEU A 298 9.57 23.06 2.65
N PHE A 299 8.96 22.77 3.81
CA PHE A 299 9.35 21.58 4.56
C PHE A 299 9.06 20.30 3.78
N GLN A 300 7.84 20.18 3.21
CA GLN A 300 7.46 18.92 2.57
C GLN A 300 8.28 18.69 1.31
N THR A 301 8.56 19.73 0.53
CA THR A 301 9.31 19.54 -0.70
C THR A 301 10.76 19.17 -0.41
N SER A 302 11.35 19.75 0.63
CA SER A 302 12.69 19.39 1.08
C SER A 302 12.75 17.92 1.51
N ARG A 303 11.74 17.45 2.25
CA ARG A 303 11.73 16.05 2.65
C ARG A 303 11.67 15.11 1.43
N LEU A 304 10.84 15.42 0.42
CA LEU A 304 10.84 14.57 -0.78
C LEU A 304 12.21 14.59 -1.46
N ILE A 305 12.86 15.76 -1.53
CA ILE A 305 14.18 15.85 -2.16
C ILE A 305 15.21 15.01 -1.40
N LEU A 306 15.16 15.03 -0.06
CA LEU A 306 16.15 14.25 0.70
C LEU A 306 15.90 12.74 0.58
N ILE A 307 14.63 12.34 0.46
CA ILE A 307 14.32 10.93 0.19
C ILE A 307 15.00 10.47 -1.10
N GLY A 308 14.86 11.24 -2.18
CA GLY A 308 15.55 10.93 -3.43
C GLY A 308 17.08 10.94 -3.32
N GLU A 309 17.63 11.89 -2.56
CA GLU A 309 19.08 11.91 -2.36
C GLU A 309 19.55 10.63 -1.68
N THR A 310 18.75 10.13 -0.73
CA THR A 310 19.09 8.92 0.00
C THR A 310 19.13 7.73 -0.93
N ILE A 311 18.08 7.57 -1.74
CA ILE A 311 17.99 6.43 -2.66
C ILE A 311 19.13 6.46 -3.67
N LYS A 312 19.40 7.65 -4.23
CA LYS A 312 20.49 7.81 -5.17
C LYS A 312 21.84 7.41 -4.55
N ILE A 313 22.13 7.90 -3.34
CA ILE A 313 23.41 7.59 -2.70
C ILE A 313 23.51 6.10 -2.40
N VAL A 314 22.41 5.51 -1.92
CA VAL A 314 22.41 4.10 -1.54
C VAL A 314 22.70 3.20 -2.75
N ILE A 315 22.14 3.54 -3.92
CA ILE A 315 22.38 2.71 -5.10
C ILE A 315 23.80 2.94 -5.66
N GLU A 316 24.17 4.20 -5.92
CA GLU A 316 25.36 4.48 -6.73
C GLU A 316 26.66 4.62 -5.93
N ASP A 317 26.60 4.77 -4.62
CA ASP A 317 27.79 4.76 -3.78
C ASP A 317 27.83 3.55 -2.85
N TYR A 318 26.73 3.29 -2.16
CA TYR A 318 26.70 2.29 -1.09
C TYR A 318 26.66 0.88 -1.66
N ILE A 319 25.62 0.54 -2.42
CA ILE A 319 25.55 -0.77 -3.05
C ILE A 319 26.67 -0.93 -4.08
N GLN A 320 27.00 0.15 -4.79
CA GLN A 320 28.10 0.08 -5.74
C GLN A 320 29.38 -0.42 -5.07
N HIS A 321 29.68 0.08 -3.86
CA HIS A 321 30.88 -0.34 -3.15
C HIS A 321 30.78 -1.80 -2.71
N LEU A 322 29.65 -2.17 -2.11
CA LEU A 322 29.41 -3.53 -1.64
C LEU A 322 29.55 -4.56 -2.76
N SER A 323 28.97 -4.26 -3.93
CA SER A 323 28.92 -5.20 -5.05
C SER A 323 30.31 -5.66 -5.48
N GLY A 324 31.27 -4.74 -5.55
CA GLY A 324 32.54 -4.99 -6.20
C GLY A 324 32.51 -4.95 -7.72
N TYR A 325 31.38 -4.61 -8.34
CA TYR A 325 31.27 -4.65 -9.79
C TYR A 325 32.09 -3.56 -10.47
N HIS A 326 32.59 -3.86 -11.67
CA HIS A 326 33.15 -2.86 -12.57
C HIS A 326 32.07 -2.05 -13.30
N PHE A 327 30.89 -2.64 -13.49
CA PHE A 327 29.75 -1.90 -14.05
C PHE A 327 29.24 -0.88 -13.04
N LYS A 328 28.97 0.34 -13.52
CA LYS A 328 28.48 1.42 -12.65
C LYS A 328 26.96 1.36 -12.59
N LEU A 329 26.44 0.91 -11.45
CA LEU A 329 25.00 0.94 -11.22
C LEU A 329 24.46 2.36 -11.36
N LYS A 330 23.16 2.46 -11.60
CA LYS A 330 22.51 3.74 -11.92
C LYS A 330 21.15 3.81 -11.24
N PHE A 331 20.83 4.94 -10.61
CA PHE A 331 19.48 5.21 -10.09
C PHE A 331 18.66 5.95 -11.15
N ASP A 332 17.70 5.25 -11.76
CA ASP A 332 16.88 5.84 -12.84
C ASP A 332 15.51 5.17 -12.84
N PRO A 333 14.53 5.77 -12.17
CA PRO A 333 13.17 5.20 -12.16
C PRO A 333 12.56 4.96 -13.55
N GLU A 334 12.99 5.69 -14.58
CA GLU A 334 12.40 5.51 -15.92
C GLU A 334 12.65 4.12 -16.51
N LEU A 335 13.67 3.41 -16.03
CA LEU A 335 13.96 2.08 -16.53
C LEU A 335 12.83 1.08 -16.29
N LEU A 336 11.96 1.35 -15.32
CA LEU A 336 10.87 0.44 -15.00
C LEU A 336 9.54 0.84 -15.60
N PHE A 337 9.46 1.99 -16.28
CA PHE A 337 8.16 2.52 -16.68
C PHE A 337 7.45 1.65 -17.72
N ASN A 338 8.18 0.82 -18.47
CA ASN A 338 7.55 -0.14 -19.38
C ASN A 338 7.66 -1.57 -18.88
N GLN A 339 7.89 -1.78 -17.58
CA GLN A 339 7.98 -3.09 -16.97
C GLN A 339 6.84 -3.28 -15.98
N GLN A 340 6.54 -4.53 -15.67
CA GLN A 340 5.62 -4.83 -14.58
C GLN A 340 6.36 -4.72 -13.26
N PHE A 341 5.81 -3.92 -12.33
CA PHE A 341 6.49 -3.64 -11.07
C PHE A 341 5.49 -3.01 -10.10
N GLN A 342 5.52 -3.41 -8.83
CA GLN A 342 4.60 -2.91 -7.80
C GLN A 342 5.28 -1.82 -6.97
N TYR A 343 4.71 -0.61 -6.97
CA TYR A 343 5.26 0.50 -6.18
C TYR A 343 4.75 0.42 -4.72
N GLN A 344 5.29 -0.55 -3.99
CA GLN A 344 4.93 -0.78 -2.59
C GLN A 344 5.95 -1.74 -1.97
N ASN A 345 5.99 -1.73 -0.63
CA ASN A 345 6.96 -2.57 0.06
C ASN A 345 6.48 -2.87 1.47
N ARG A 346 6.85 -4.05 1.96
CA ARG A 346 6.66 -4.44 3.35
C ARG A 346 7.96 -5.06 3.87
N ILE A 347 8.47 -4.59 5.02
CA ILE A 347 9.80 -5.02 5.46
C ILE A 347 9.74 -6.46 5.98
N ALA A 348 10.64 -7.31 5.47
CA ALA A 348 10.68 -8.73 5.85
C ALA A 348 11.56 -8.98 7.07
N SER A 349 11.05 -9.80 7.98
CA SER A 349 11.83 -10.24 9.14
C SER A 349 13.22 -10.73 8.74
N GLU A 350 13.29 -11.57 7.71
CA GLU A 350 14.58 -12.15 7.34
C GLU A 350 15.55 -11.11 6.77
N PHE A 351 15.04 -10.00 6.22
CA PHE A 351 15.87 -8.89 5.78
C PHE A 351 16.54 -8.22 6.98
N ASN A 352 15.76 -8.02 8.04
CA ASN A 352 16.30 -7.59 9.32
C ASN A 352 17.38 -8.56 9.80
N THR A 353 17.12 -9.86 9.72
CA THR A 353 18.05 -10.85 10.28
C THR A 353 19.39 -10.84 9.55
N LEU A 354 19.37 -10.88 8.22
CA LEU A 354 20.64 -10.92 7.49
C LEU A 354 21.46 -9.64 7.63
N TYR A 355 20.82 -8.53 8.05
CA TYR A 355 21.48 -7.24 8.15
CA TYR A 355 21.48 -7.24 8.15
C TYR A 355 22.18 -7.01 9.49
N HIS A 356 22.24 -8.03 10.35
CA HIS A 356 22.99 -7.92 11.60
C HIS A 356 24.48 -8.10 11.33
N TRP A 357 25.08 -7.06 10.75
CA TRP A 357 26.47 -7.09 10.31
C TRP A 357 27.44 -6.68 11.41
N HIS A 358 27.29 -7.24 12.61
CA HIS A 358 28.15 -6.71 13.65
CA HIS A 358 28.15 -6.92 13.75
C HIS A 358 29.64 -7.02 13.46
N PRO A 359 30.11 -7.94 12.61
CA PRO A 359 31.57 -8.04 12.41
C PRO A 359 32.21 -6.80 11.82
N LEU A 360 31.43 -5.87 11.24
CA LEU A 360 32.00 -4.61 10.74
C LEU A 360 32.70 -3.83 11.84
N LEU A 361 32.25 -3.98 13.10
CA LEU A 361 32.70 -3.10 14.16
C LEU A 361 34.16 -3.39 14.50
N PRO A 362 34.98 -2.35 14.68
CA PRO A 362 36.39 -2.54 15.02
C PRO A 362 36.58 -2.84 16.51
N ASP A 363 37.84 -3.04 16.90
CA ASP A 363 38.16 -3.25 18.30
C ASP A 363 38.18 -1.94 19.08
N THR A 364 38.55 -0.84 18.42
CA THR A 364 38.55 0.51 18.98
C THR A 364 38.13 1.50 17.90
N PHE A 365 37.73 2.70 18.32
CA PHE A 365 37.30 3.75 17.40
C PHE A 365 38.37 4.84 17.38
N ASN A 366 39.02 5.02 16.23
CA ASN A 366 40.26 5.79 16.13
C ASN A 366 39.96 7.16 15.51
N ILE A 367 40.01 8.20 16.34
CA ILE A 367 39.69 9.56 15.92
C ILE A 367 40.87 10.44 16.27
N GLU A 368 41.40 11.15 15.27
CA GLU A 368 42.60 11.96 15.43
C GLU A 368 43.71 11.11 16.04
N ASP A 369 44.27 11.52 17.17
CA ASP A 369 45.33 10.75 17.82
C ASP A 369 44.81 9.85 18.94
N GLN A 370 43.50 9.67 19.06
CA GLN A 370 42.90 8.93 20.18
C GLN A 370 42.37 7.58 19.70
N GLU A 371 42.37 6.61 20.62
CA GLU A 371 41.78 5.30 20.38
C GLU A 371 40.77 4.99 21.49
N TYR A 372 39.48 5.08 21.17
CA TYR A 372 38.41 4.88 22.14
C TYR A 372 37.93 3.43 22.16
N SER A 373 37.77 2.89 23.38
CA SER A 373 37.11 1.61 23.56
C SER A 373 35.58 1.74 23.40
N PHE A 374 34.93 0.57 23.31
CA PHE A 374 33.46 0.54 23.23
C PHE A 374 32.84 1.25 24.43
N LYS A 375 33.38 1.01 25.62
CA LYS A 375 32.80 1.60 26.82
C LYS A 375 32.95 3.12 26.80
N GLN A 376 34.08 3.62 26.28
CA GLN A 376 34.28 5.06 26.18
C GLN A 376 33.43 5.68 25.08
N PHE A 377 33.12 4.91 24.03
CA PHE A 377 32.47 5.46 22.86
C PHE A 377 30.96 5.52 23.03
N LEU A 378 30.35 4.52 23.67
CA LEU A 378 28.90 4.45 23.77
C LEU A 378 28.34 5.61 24.57
N TYR A 379 27.33 6.27 24.01
CA TYR A 379 26.56 7.30 24.71
C TYR A 379 27.37 8.54 25.05
N ASN A 380 28.47 8.79 24.34
CA ASN A 380 29.37 9.88 24.73
C ASN A 380 29.50 10.86 23.57
N ASN A 381 28.54 11.78 23.47
CA ASN A 381 28.59 12.78 22.40
C ASN A 381 29.62 13.88 22.63
N SER A 382 30.19 14.01 23.83
CA SER A 382 31.28 14.97 24.02
C SER A 382 32.46 14.70 23.07
N ILE A 383 32.62 13.45 22.62
CA ILE A 383 33.64 13.12 21.64
C ILE A 383 33.38 13.84 20.32
N LEU A 384 32.11 13.86 19.89
CA LEU A 384 31.76 14.56 18.65
C LEU A 384 32.07 16.04 18.76
N LEU A 385 31.74 16.66 19.89
CA LEU A 385 32.00 18.08 20.06
C LEU A 385 33.49 18.36 20.23
N GLU A 386 34.21 17.48 20.94
CA GLU A 386 35.63 17.73 21.15
C GLU A 386 36.40 17.73 19.83
N HIS A 387 36.15 16.74 18.98
CA HIS A 387 36.92 16.61 17.74
C HIS A 387 36.30 17.39 16.59
N GLY A 388 34.97 17.44 16.50
CA GLY A 388 34.31 18.12 15.41
C GLY A 388 34.00 17.18 14.25
N LEU A 389 33.10 17.65 13.37
CA LEU A 389 32.63 16.80 12.28
C LEU A 389 33.69 16.59 11.22
N THR A 390 34.48 17.63 10.92
CA THR A 390 35.56 17.50 9.94
C THR A 390 36.52 16.38 10.33
N GLN A 391 36.96 16.37 11.59
CA GLN A 391 37.89 15.35 12.05
C GLN A 391 37.25 13.96 12.09
N PHE A 392 35.96 13.89 12.45
CA PHE A 392 35.22 12.63 12.39
C PHE A 392 35.27 12.04 10.99
N VAL A 393 34.94 12.84 9.97
CA VAL A 393 34.93 12.35 8.60
C VAL A 393 36.34 11.91 8.18
N GLU A 394 37.35 12.73 8.48
CA GLU A 394 38.72 12.38 8.07
C GLU A 394 39.19 11.10 8.74
N SER A 395 38.85 10.91 10.02
CA SER A 395 39.26 9.70 10.72
C SER A 395 38.46 8.48 10.26
N PHE A 396 37.15 8.63 10.10
CA PHE A 396 36.37 7.45 9.77
C PHE A 396 36.58 7.02 8.33
N THR A 397 36.95 7.96 7.45
CA THR A 397 37.30 7.58 6.09
C THR A 397 38.55 6.71 6.05
N ARG A 398 39.46 6.86 7.02
CA ARG A 398 40.73 6.12 7.03
C ARG A 398 40.68 4.80 7.79
N GLN A 399 39.71 4.57 8.69
CA GLN A 399 39.72 3.37 9.51
C GLN A 399 38.99 2.20 8.83
N ILE A 400 39.69 1.06 8.71
CA ILE A 400 39.12 -0.11 8.04
C ILE A 400 38.08 -0.78 8.94
N ALA A 401 37.05 -1.34 8.30
CA ALA A 401 36.01 -2.16 8.93
C ALA A 401 36.37 -3.64 8.84
N GLY A 402 35.60 -4.47 9.58
CA GLY A 402 35.81 -5.90 9.60
C GLY A 402 35.06 -6.67 8.52
N ARG A 403 35.58 -7.87 8.24
CA ARG A 403 34.96 -8.80 7.31
C ARG A 403 33.73 -9.47 7.93
N VAL A 404 32.62 -9.53 7.19
CA VAL A 404 31.36 -10.04 7.74
C VAL A 404 31.24 -11.55 7.56
N ALA A 405 31.46 -12.08 6.35
CA ALA A 405 31.45 -13.53 6.17
C ALA A 405 32.81 -14.14 6.56
N GLY A 406 32.92 -15.46 6.50
CA GLY A 406 34.22 -16.12 6.68
C GLY A 406 34.55 -16.59 8.08
N GLY A 407 33.72 -16.26 9.08
CA GLY A 407 33.81 -16.86 10.40
C GLY A 407 34.55 -16.00 11.41
N ARG A 408 34.20 -16.20 12.69
CA ARG A 408 35.00 -15.79 13.84
C ARG A 408 35.44 -14.32 13.78
N ASN A 409 34.47 -13.41 13.67
CA ASN A 409 34.82 -12.01 13.62
C ASN A 409 33.78 -11.08 14.28
N VAL A 410 32.92 -11.59 15.16
CA VAL A 410 32.03 -10.75 15.96
C VAL A 410 32.77 -10.26 17.19
N PRO A 411 32.89 -8.95 17.43
CA PRO A 411 33.63 -8.48 18.61
C PRO A 411 32.89 -8.83 19.89
N ILE A 412 33.67 -9.21 20.90
CA ILE A 412 33.16 -9.73 22.17
C ILE A 412 32.26 -8.72 22.87
N ALA A 413 32.50 -7.42 22.66
CA ALA A 413 31.67 -6.40 23.30
C ALA A 413 30.20 -6.49 22.91
N VAL A 414 29.88 -7.03 21.72
CA VAL A 414 28.48 -7.13 21.31
C VAL A 414 28.03 -8.58 21.24
N GLN A 415 28.67 -9.47 22.03
CA GLN A 415 28.35 -10.89 21.98
C GLN A 415 26.88 -11.16 22.31
N ALA A 416 26.27 -10.35 23.19
CA ALA A 416 24.86 -10.56 23.54
C ALA A 416 23.90 -10.23 22.40
N VAL A 417 24.25 -9.25 21.55
CA VAL A 417 23.43 -8.95 20.38
C VAL A 417 23.43 -10.14 19.43
N ALA A 418 24.61 -10.68 19.14
CA ALA A 418 24.73 -11.84 18.25
C ALA A 418 23.97 -13.04 18.79
N LYS A 419 24.05 -13.29 20.10
CA LYS A 419 23.29 -14.38 20.68
C LYS A 419 21.79 -14.16 20.50
N ALA A 420 21.33 -12.94 20.70
CA ALA A 420 19.90 -12.65 20.56
C ALA A 420 19.43 -12.86 19.12
N SER A 421 20.30 -12.64 18.13
CA SER A 421 19.88 -12.90 16.76
C SER A 421 19.61 -14.38 16.54
N ILE A 422 20.42 -15.24 17.16
CA ILE A 422 20.17 -16.68 17.08
C ILE A 422 18.89 -17.03 17.84
N ASP A 423 18.77 -16.55 19.08
CA ASP A 423 17.64 -16.95 19.91
C ASP A 423 16.30 -16.46 19.33
N GLN A 424 16.27 -15.24 18.79
CA GLN A 424 15.00 -14.72 18.27
C GLN A 424 14.62 -15.38 16.94
N SER A 425 15.60 -15.73 16.11
CA SER A 425 15.38 -16.63 14.97
C SER A 425 14.57 -17.84 15.38
N ARG A 426 15.01 -18.52 16.44
CA ARG A 426 14.34 -19.72 16.90
C ARG A 426 12.97 -19.39 17.48
N GLU A 427 12.86 -18.30 18.25
CA GLU A 427 11.56 -17.93 18.79
C GLU A 427 10.56 -17.71 17.66
N MET A 428 11.00 -17.10 16.55
CA MET A 428 10.16 -16.83 15.38
C MET A 428 10.03 -18.03 14.44
N LYS A 429 10.63 -19.18 14.79
CA LYS A 429 10.42 -20.44 14.08
C LYS A 429 10.86 -20.36 12.61
N TYR A 430 12.06 -19.80 12.39
CA TYR A 430 12.64 -19.76 11.05
C TYR A 430 12.91 -21.17 10.53
N GLN A 431 12.64 -21.35 9.23
CA GLN A 431 13.12 -22.53 8.50
C GLN A 431 14.65 -22.46 8.33
N SER A 432 15.22 -23.53 7.77
CA SER A 432 16.67 -23.71 7.75
C SER A 432 17.34 -22.94 6.61
N LEU A 433 18.68 -22.81 6.73
CA LEU A 433 19.50 -22.20 5.69
C LEU A 433 19.19 -22.76 4.31
N ASN A 434 19.20 -24.08 4.17
CA ASN A 434 18.96 -24.68 2.86
C ASN A 434 17.52 -24.45 2.37
N GLU A 435 16.55 -24.32 3.27
CA GLU A 435 15.21 -23.92 2.79
C GLU A 435 15.23 -22.51 2.26
N TYR A 436 15.96 -21.60 2.91
CA TYR A 436 16.02 -20.23 2.38
C TYR A 436 16.80 -20.19 1.07
N ARG A 437 17.78 -21.09 0.89
CA ARG A 437 18.56 -21.09 -0.34
C ARG A 437 17.69 -21.52 -1.53
N LYS A 438 16.92 -22.59 -1.35
CA LYS A 438 15.97 -23.00 -2.38
C LYS A 438 14.94 -21.90 -2.68
N ARG A 439 14.47 -21.20 -1.64
CA ARG A 439 13.48 -20.14 -1.83
C ARG A 439 14.00 -19.05 -2.76
N PHE A 440 15.32 -18.81 -2.76
CA PHE A 440 15.92 -17.78 -3.59
C PHE A 440 16.71 -18.36 -4.76
N SER A 441 16.38 -19.59 -5.17
CA SER A 441 16.90 -20.23 -6.37
C SER A 441 18.40 -20.53 -6.27
N LEU A 442 18.88 -20.90 -5.08
CA LEU A 442 20.27 -21.34 -4.93
C LEU A 442 20.32 -22.84 -4.64
N LYS A 443 21.41 -23.47 -5.07
CA LYS A 443 21.60 -24.89 -4.78
C LYS A 443 21.83 -25.08 -3.28
N PRO A 444 21.16 -26.02 -2.63
CA PRO A 444 21.46 -26.31 -1.23
C PRO A 444 22.88 -26.80 -1.04
N TYR A 445 23.48 -26.44 0.09
CA TYR A 445 24.78 -26.97 0.45
C TYR A 445 24.67 -28.45 0.83
N THR A 446 25.67 -29.25 0.42
CA THR A 446 25.71 -30.69 0.64
C THR A 446 26.56 -31.11 1.85
N SER A 447 27.33 -30.21 2.44
CA SER A 447 28.16 -30.52 3.60
C SER A 447 28.53 -29.23 4.30
N PHE A 448 28.99 -29.35 5.55
CA PHE A 448 29.45 -28.16 6.25
C PHE A 448 30.73 -27.60 5.63
N GLU A 449 31.59 -28.49 5.13
CA GLU A 449 32.81 -28.07 4.44
C GLU A 449 32.49 -27.26 3.20
N GLU A 450 31.46 -27.63 2.45
CA GLU A 450 31.08 -26.82 1.30
C GLU A 450 30.60 -25.43 1.73
N LEU A 451 29.91 -25.36 2.87
CA LEU A 451 29.40 -24.07 3.35
C LEU A 451 30.54 -23.11 3.67
N THR A 452 31.56 -23.59 4.38
CA THR A 452 32.59 -22.69 4.89
C THR A 452 33.84 -22.65 4.03
N GLY A 453 34.08 -23.64 3.19
CA GLY A 453 35.30 -23.66 2.43
C GLY A 453 36.55 -24.05 3.18
N GLU A 454 36.45 -24.39 4.47
CA GLU A 454 37.62 -24.85 5.25
C GLU A 454 37.21 -26.09 6.05
N LYS A 455 38.03 -26.47 7.03
CA LYS A 455 37.85 -27.72 7.74
C LYS A 455 37.56 -27.58 9.22
N GLU A 456 38.23 -26.65 9.91
CA GLU A 456 38.12 -26.58 11.37
C GLU A 456 36.73 -26.10 11.80
N MET A 457 36.23 -25.02 11.20
CA MET A 457 34.91 -24.54 11.60
C MET A 457 33.83 -25.54 11.21
N ALA A 458 33.98 -26.16 10.04
CA ALA A 458 32.96 -27.09 9.56
C ALA A 458 32.81 -28.30 10.48
N ALA A 459 33.93 -28.80 11.03
CA ALA A 459 33.85 -29.94 11.93
C ALA A 459 33.18 -29.56 13.25
N GLU A 460 33.46 -28.36 13.77
CA GLU A 460 32.72 -27.88 14.93
C GLU A 460 31.23 -27.81 14.63
N LEU A 461 30.87 -27.24 13.47
CA LEU A 461 29.46 -27.09 13.12
C LEU A 461 28.80 -28.45 12.94
N LYS A 462 29.53 -29.41 12.36
CA LYS A 462 29.00 -30.75 12.14
C LYS A 462 28.73 -31.47 13.45
N ALA A 463 29.63 -31.33 14.42
CA ALA A 463 29.38 -31.95 15.72
C ALA A 463 28.21 -31.29 16.42
N LEU A 464 27.98 -29.99 16.18
CA LEU A 464 26.90 -29.27 16.83
C LEU A 464 25.56 -29.55 16.17
N TYR A 465 25.47 -29.45 14.84
CA TYR A 465 24.18 -29.52 14.13
C TYR A 465 23.87 -30.88 13.52
N SER A 466 24.89 -31.70 13.28
CA SER A 466 24.84 -33.05 12.70
C SER A 466 24.32 -33.18 11.26
N ASP A 467 23.32 -32.42 10.85
CA ASP A 467 22.79 -32.48 9.49
C ASP A 467 22.87 -31.08 8.86
N ILE A 468 23.52 -30.98 7.69
CA ILE A 468 23.61 -29.70 6.99
C ILE A 468 22.24 -29.12 6.67
N ASP A 469 21.22 -29.96 6.50
CA ASP A 469 19.89 -29.48 6.16
C ASP A 469 19.17 -28.85 7.36
N VAL A 470 19.74 -28.88 8.56
CA VAL A 470 19.19 -28.14 9.69
C VAL A 470 20.09 -26.99 10.15
N MET A 471 21.21 -26.75 9.46
CA MET A 471 21.97 -25.53 9.70
C MET A 471 21.06 -24.31 9.64
N GLU A 472 21.29 -23.35 10.56
CA GLU A 472 20.46 -22.14 10.70
C GLU A 472 20.97 -20.99 9.81
N LEU A 473 20.04 -20.07 9.48
CA LEU A 473 20.32 -19.01 8.51
C LEU A 473 21.33 -18.00 9.03
N TYR A 474 21.10 -17.43 10.23
CA TYR A 474 21.93 -16.31 10.67
C TYR A 474 23.37 -16.73 10.98
N PRO A 475 23.64 -17.79 11.74
CA PRO A 475 25.05 -18.20 11.89
C PRO A 475 25.71 -18.57 10.57
N ALA A 476 24.95 -19.12 9.61
CA ALA A 476 25.55 -19.53 8.35
C ALA A 476 26.07 -18.34 7.54
N LEU A 477 25.34 -17.22 7.55
CA LEU A 477 25.75 -16.05 6.80
C LEU A 477 27.07 -15.49 7.30
N LEU A 478 27.38 -15.66 8.58
CA LEU A 478 28.64 -15.15 9.12
C LEU A 478 29.80 -16.14 9.01
N VAL A 479 29.54 -17.43 8.77
CA VAL A 479 30.65 -18.38 8.57
C VAL A 479 30.83 -18.76 7.10
N GLU A 480 29.93 -18.32 6.22
CA GLU A 480 29.94 -18.76 4.83
C GLU A 480 31.26 -18.40 4.16
N LYS A 481 31.68 -19.26 3.23
CA LYS A 481 32.83 -19.00 2.39
C LYS A 481 32.60 -17.70 1.61
N PRO A 482 33.46 -16.71 1.76
CA PRO A 482 33.27 -15.45 1.02
C PRO A 482 33.58 -15.62 -0.45
N ARG A 483 32.95 -14.77 -1.28
CA ARG A 483 33.42 -14.58 -2.65
C ARG A 483 34.91 -14.19 -2.61
N PRO A 484 35.64 -14.41 -3.71
CA PRO A 484 37.09 -14.18 -3.68
C PRO A 484 37.45 -12.74 -3.32
N ASP A 485 38.14 -12.57 -2.19
CA ASP A 485 38.53 -11.26 -1.66
C ASP A 485 37.33 -10.33 -1.42
N ALA A 486 36.19 -10.91 -1.05
CA ALA A 486 34.98 -10.14 -0.84
C ALA A 486 34.55 -10.15 0.63
N ILE A 487 33.67 -9.21 0.99
CA ILE A 487 33.15 -9.10 2.35
C ILE A 487 32.02 -10.10 2.65
N PHE A 488 31.33 -10.59 1.63
CA PHE A 488 30.17 -11.47 1.79
C PHE A 488 30.36 -12.75 0.99
N GLY A 489 29.60 -13.78 1.37
CA GLY A 489 29.38 -14.94 0.52
C GLY A 489 28.07 -14.84 -0.28
N GLU A 490 27.79 -15.91 -1.02
CA GLU A 490 26.72 -15.92 -2.01
C GLU A 490 25.33 -15.71 -1.38
N THR A 491 25.06 -16.36 -0.24
CA THR A 491 23.71 -16.31 0.32
C THR A 491 23.32 -14.89 0.71
N MET A 492 24.28 -14.12 1.21
CA MET A 492 23.99 -12.76 1.65
C MET A 492 23.58 -11.87 0.47
N VAL A 493 24.29 -11.99 -0.65
CA VAL A 493 23.99 -11.14 -1.81
C VAL A 493 22.65 -11.54 -2.42
N GLU A 494 22.41 -12.85 -2.60
CA GLU A 494 21.23 -13.29 -3.33
C GLU A 494 19.92 -13.17 -2.51
N LEU A 495 19.98 -13.15 -1.18
CA LEU A 495 18.81 -12.80 -0.40
C LEU A 495 18.68 -11.30 -0.21
N GLY A 496 19.81 -10.62 0.05
CA GLY A 496 19.77 -9.20 0.34
C GLY A 496 19.36 -8.33 -0.85
N ALA A 497 19.81 -8.67 -2.06
CA ALA A 497 19.57 -7.81 -3.22
C ALA A 497 18.08 -7.67 -3.58
N PRO A 498 17.27 -8.76 -3.65
CA PRO A 498 15.84 -8.52 -3.97
C PRO A 498 15.10 -7.73 -2.90
N PHE A 499 15.34 -7.97 -1.61
CA PHE A 499 14.71 -7.16 -0.57
C PHE A 499 15.07 -5.69 -0.75
N SER A 500 16.36 -5.42 -1.03
CA SER A 500 16.86 -4.06 -1.11
C SER A 500 16.25 -3.31 -2.30
N LEU A 501 16.14 -3.98 -3.45
CA LEU A 501 15.51 -3.38 -4.64
C LEU A 501 14.09 -2.88 -4.33
N LYS A 502 13.25 -3.74 -3.75
CA LYS A 502 11.86 -3.38 -3.49
C LYS A 502 11.76 -2.17 -2.58
N GLY A 503 12.65 -2.07 -1.59
CA GLY A 503 12.61 -0.95 -0.67
C GLY A 503 13.07 0.37 -1.26
N LEU A 504 13.88 0.33 -2.32
CA LEU A 504 14.37 1.55 -2.96
C LEU A 504 13.49 1.94 -4.15
N MET A 505 13.33 1.04 -5.11
CA MET A 505 12.53 1.36 -6.29
C MET A 505 11.03 1.31 -6.00
N GLY A 506 10.60 0.62 -4.95
CA GLY A 506 9.19 0.59 -4.62
C GLY A 506 8.65 1.86 -4.00
N ASN A 507 9.54 2.79 -3.62
CA ASN A 507 9.14 4.05 -3.03
C ASN A 507 8.18 4.81 -3.96
N PRO A 508 7.16 5.48 -3.43
CA PRO A 508 6.23 6.21 -4.31
C PRO A 508 6.91 7.27 -5.18
N ILE A 509 8.03 7.86 -4.74
CA ILE A 509 8.66 8.89 -5.56
C ILE A 509 9.28 8.34 -6.84
N CYS A 510 9.40 7.02 -6.96
CA CYS A 510 9.88 6.42 -8.21
C CYS A 510 8.75 6.06 -9.16
N SER A 511 7.50 6.28 -8.78
CA SER A 511 6.42 5.96 -9.68
C SER A 511 6.21 7.09 -10.71
N PRO A 512 5.67 6.77 -11.90
CA PRO A 512 5.55 7.81 -12.95
C PRO A 512 4.84 9.08 -12.55
N GLN A 513 3.79 9.02 -11.73
CA GLN A 513 3.09 10.28 -11.43
C GLN A 513 3.89 11.15 -10.46
N TYR A 514 4.86 10.56 -9.74
CA TYR A 514 5.73 11.34 -8.87
C TYR A 514 7.04 11.77 -9.54
N TRP A 515 7.60 10.98 -10.44
CA TRP A 515 8.97 11.21 -10.94
C TRP A 515 8.93 12.26 -12.06
N LYS A 516 8.81 13.52 -11.63
CA LYS A 516 8.68 14.69 -12.48
C LYS A 516 9.33 15.88 -11.77
N PRO A 517 9.89 16.84 -12.52
CA PRO A 517 10.48 18.03 -11.87
C PRO A 517 9.54 18.76 -10.93
N SER A 518 8.25 18.91 -11.28
CA SER A 518 7.36 19.71 -10.45
C SER A 518 7.17 19.12 -9.05
N THR A 519 7.27 17.80 -8.90
CA THR A 519 7.21 17.18 -7.58
C THR A 519 8.24 17.76 -6.62
N PHE A 520 9.40 18.18 -7.15
CA PHE A 520 10.53 18.59 -6.33
C PHE A 520 10.81 20.08 -6.43
N GLY A 521 9.78 20.86 -6.77
CA GLY A 521 9.93 22.30 -6.85
C GLY A 521 10.53 22.80 -8.14
N GLY A 522 10.57 21.98 -9.17
CA GLY A 522 11.12 22.39 -10.45
C GLY A 522 12.49 21.75 -10.68
N GLU A 523 13.17 22.27 -11.72
CA GLU A 523 14.38 21.62 -12.20
C GLU A 523 15.53 21.73 -11.21
N VAL A 524 15.58 22.80 -10.41
CA VAL A 524 16.66 22.95 -9.45
C VAL A 524 16.58 21.88 -8.37
N GLY A 525 15.37 21.56 -7.90
CA GLY A 525 15.23 20.51 -6.90
C GLY A 525 15.42 19.11 -7.47
N PHE A 526 14.89 18.86 -8.67
CA PHE A 526 15.10 17.57 -9.33
C PHE A 526 16.58 17.28 -9.49
N LYS A 527 17.38 18.31 -9.84
CA LYS A 527 18.81 18.09 -10.06
C LYS A 527 19.55 17.78 -8.75
N ILE A 528 19.05 18.28 -7.62
CA ILE A 528 19.69 17.93 -6.35
C ILE A 528 19.66 16.42 -6.13
N ILE A 529 18.53 15.77 -6.46
CA ILE A 529 18.45 14.31 -6.36
C ILE A 529 19.40 13.64 -7.34
N ASN A 530 19.34 14.03 -8.60
CA ASN A 530 20.03 13.27 -9.64
C ASN A 530 21.53 13.54 -9.72
N THR A 531 22.08 14.46 -8.92
CA THR A 531 23.53 14.63 -8.82
C THR A 531 24.06 14.33 -7.42
N ALA A 532 23.24 13.76 -6.53
CA ALA A 532 23.67 13.58 -5.15
C ALA A 532 24.74 12.49 -5.06
N SER A 533 25.63 12.60 -4.07
CA SER A 533 26.69 11.64 -3.80
C SER A 533 27.09 11.74 -2.33
N ILE A 534 27.69 10.65 -1.82
CA ILE A 534 28.22 10.71 -0.45
C ILE A 534 29.28 11.80 -0.34
N GLN A 535 30.09 11.98 -1.40
CA GLN A 535 31.10 13.05 -1.35
C GLN A 535 30.45 14.43 -1.32
N SER A 536 29.42 14.66 -2.14
CA SER A 536 28.81 15.99 -2.16
C SER A 536 27.98 16.25 -0.91
N LEU A 537 27.39 15.19 -0.33
CA LEU A 537 26.69 15.36 0.95
C LEU A 537 27.63 15.91 2.02
N ILE A 538 28.85 15.36 2.10
CA ILE A 538 29.82 15.84 3.09
C ILE A 538 30.36 17.19 2.67
N CYS A 539 30.67 17.36 1.38
CA CYS A 539 31.26 18.60 0.91
C CYS A 539 30.36 19.81 1.17
N ASN A 540 29.04 19.63 1.01
CA ASN A 540 28.12 20.74 1.19
C ASN A 540 27.86 21.08 2.67
N ASN A 541 28.04 20.12 3.59
CA ASN A 541 27.57 20.30 4.96
C ASN A 541 28.65 20.24 6.04
N VAL A 542 29.92 20.01 5.69
CA VAL A 542 30.98 19.85 6.69
C VAL A 542 32.06 20.88 6.41
N LYS A 543 32.44 21.62 7.45
CA LYS A 543 33.44 22.67 7.32
C LYS A 543 34.74 22.12 6.71
N GLY A 544 35.24 22.81 5.69
CA GLY A 544 36.46 22.41 5.01
C GLY A 544 36.29 21.52 3.79
N CYS A 545 35.07 21.00 3.53
CA CYS A 545 34.80 20.02 2.49
C CYS A 545 35.88 18.95 2.48
N PRO A 546 35.96 18.06 3.48
CA PRO A 546 36.96 16.99 3.43
C PRO A 546 36.56 15.94 2.41
N PHE A 547 37.56 15.28 1.84
CA PHE A 547 37.30 14.13 0.97
C PHE A 547 36.71 12.99 1.80
N THR A 548 35.79 12.23 1.19
CA THR A 548 35.30 11.03 1.86
C THR A 548 34.91 10.01 0.80
N SER A 549 34.60 8.80 1.27
CA SER A 549 34.42 7.60 0.47
C SER A 549 33.99 6.48 1.41
N PHE A 550 33.43 5.42 0.84
CA PHE A 550 33.09 4.23 1.61
C PHE A 550 34.24 3.22 1.66
N ASN A 551 35.35 3.47 0.99
CA ASN A 551 36.49 2.57 1.02
C ASN A 551 37.72 3.32 1.51
N VAL A 552 38.69 2.57 2.06
CA VAL A 552 39.98 3.16 2.39
C VAL A 552 40.83 3.25 1.14
N HIS B 1 -1.91 39.53 -3.59
CA HIS B 1 -1.54 38.72 -4.73
C HIS B 1 -1.94 37.26 -4.51
N HIS B 2 -2.96 36.79 -5.26
CA HIS B 2 -3.48 35.44 -5.08
C HIS B 2 -2.59 34.42 -5.80
N HIS B 3 -2.83 33.15 -5.48
CA HIS B 3 -2.03 32.06 -6.03
C HIS B 3 -2.09 32.09 -7.56
N PRO B 4 -0.95 32.03 -8.25
CA PRO B 4 -0.98 32.17 -9.72
C PRO B 4 -1.60 31.00 -10.48
N CYS B 5 -1.83 29.84 -9.84
CA CYS B 5 -2.46 28.69 -10.50
C CYS B 5 -3.98 28.67 -10.34
N CYS B 6 -4.58 29.76 -9.86
CA CYS B 6 -5.98 29.74 -9.43
C CYS B 6 -6.92 29.56 -10.61
N SER B 7 -6.46 29.87 -11.84
CA SER B 7 -7.29 29.74 -13.04
C SER B 7 -7.20 28.36 -13.68
N ASN B 8 -6.46 27.44 -13.07
CA ASN B 8 -6.24 26.09 -13.61
C ASN B 8 -5.72 26.13 -15.04
N PRO B 9 -4.62 26.84 -15.31
CA PRO B 9 -4.22 27.05 -16.71
C PRO B 9 -3.71 25.79 -17.42
N CYS B 10 -3.10 24.83 -16.72
CA CYS B 10 -2.47 23.70 -17.41
C CYS B 10 -3.52 22.66 -17.80
N GLN B 11 -3.46 22.21 -19.05
CA GLN B 11 -4.43 21.28 -19.61
C GLN B 11 -3.82 19.89 -19.79
N ASN B 12 -4.71 18.92 -20.04
CA ASN B 12 -4.31 17.57 -20.44
C ASN B 12 -3.44 16.87 -19.39
N ARG B 13 -3.78 17.05 -18.11
CA ARG B 13 -3.09 16.48 -16.95
C ARG B 13 -1.70 17.06 -16.72
N GLY B 14 -1.40 18.25 -17.25
CA GLY B 14 -0.20 18.94 -16.85
C GLY B 14 -0.33 19.50 -15.45
N GLU B 15 0.80 19.62 -14.76
CA GLU B 15 0.82 20.03 -13.36
C GLU B 15 1.35 21.46 -13.25
N CYS B 16 0.65 22.28 -12.48
CA CYS B 16 0.92 23.71 -12.34
C CYS B 16 1.73 23.96 -11.07
N MET B 17 2.66 24.91 -11.14
CA MET B 17 3.57 25.24 -10.06
C MET B 17 3.84 26.73 -10.10
N SER B 18 3.71 27.42 -8.97
CA SER B 18 4.09 28.84 -8.95
C SER B 18 5.60 28.99 -9.08
N THR B 19 6.03 30.02 -9.80
CA THR B 19 7.45 30.32 -9.99
C THR B 19 7.78 31.74 -9.55
N GLY B 20 6.96 32.29 -8.66
CA GLY B 20 7.05 33.67 -8.26
C GLY B 20 5.69 34.07 -7.73
N PHE B 21 5.60 35.32 -7.29
CA PHE B 21 4.34 35.77 -6.71
C PHE B 21 3.23 35.86 -7.75
N ASP B 22 3.57 36.14 -9.02
CA ASP B 22 2.57 36.35 -10.05
C ASP B 22 2.84 35.58 -11.33
N GLN B 23 3.59 34.47 -11.27
CA GLN B 23 3.95 33.69 -12.45
C GLN B 23 3.85 32.20 -12.16
N TYR B 24 3.63 31.40 -13.20
CA TYR B 24 3.49 29.94 -13.09
C TYR B 24 4.25 29.25 -14.22
N LYS B 25 4.48 27.95 -14.03
CA LYS B 25 5.03 27.08 -15.06
C LYS B 25 4.22 25.79 -15.07
N CYS B 26 3.98 25.22 -16.26
CA CYS B 26 3.30 23.94 -16.37
C CYS B 26 4.30 22.82 -16.66
N ASP B 27 4.13 21.69 -15.99
CA ASP B 27 4.97 20.51 -16.17
C ASP B 27 4.20 19.54 -17.05
N CYS B 28 4.66 19.38 -18.30
CA CYS B 28 3.95 18.58 -19.31
C CYS B 28 4.49 17.16 -19.43
N THR B 29 5.38 16.73 -18.54
CA THR B 29 5.99 15.40 -18.59
C THR B 29 4.95 14.30 -18.82
N ARG B 30 5.14 13.56 -19.92
CA ARG B 30 4.39 12.35 -20.26
C ARG B 30 2.90 12.60 -20.49
N THR B 31 2.50 13.83 -20.76
CA THR B 31 1.10 14.08 -21.13
C THR B 31 0.82 13.80 -22.60
N GLY B 32 1.86 13.81 -23.44
CA GLY B 32 1.66 13.81 -24.87
C GLY B 32 1.44 15.19 -25.45
N PHE B 33 1.47 16.24 -24.63
CA PHE B 33 1.37 17.62 -25.08
C PHE B 33 2.60 18.39 -24.62
N TYR B 34 2.81 19.56 -25.22
CA TYR B 34 3.82 20.50 -24.76
C TYR B 34 3.31 21.91 -24.99
N GLY B 35 4.16 22.90 -24.69
CA GLY B 35 3.78 24.29 -24.74
C GLY B 35 3.50 24.87 -23.36
N GLU B 36 3.29 26.18 -23.32
CA GLU B 36 3.16 26.89 -22.04
C GLU B 36 2.05 26.30 -21.17
N ASN B 37 0.97 25.80 -21.80
CA ASN B 37 -0.18 25.26 -21.08
C ASN B 37 -0.43 23.79 -21.39
N CYS B 38 0.55 23.09 -21.97
CA CYS B 38 0.39 21.70 -22.44
C CYS B 38 -0.85 21.55 -23.34
N THR B 39 -0.97 22.43 -24.33
CA THR B 39 -2.08 22.35 -25.28
C THR B 39 -1.66 22.00 -26.70
N THR B 40 -0.35 21.99 -26.99
CA THR B 40 0.14 21.63 -28.31
C THR B 40 0.39 20.12 -28.38
N PRO B 41 -0.34 19.37 -29.21
CA PRO B 41 -0.22 17.91 -29.18
C PRO B 41 0.99 17.43 -29.97
N GLU B 42 1.63 16.39 -29.45
CA GLU B 42 2.72 15.75 -30.18
C GLU B 42 2.15 14.92 -31.34
N PHE B 43 3.06 14.45 -32.20
CA PHE B 43 2.65 13.80 -33.45
C PHE B 43 1.83 12.54 -33.19
N LEU B 44 2.37 11.60 -32.41
CA LEU B 44 1.62 10.40 -32.09
C LEU B 44 0.31 10.76 -31.39
N THR B 45 0.33 11.80 -30.55
CA THR B 45 -0.89 12.23 -29.87
C THR B 45 -1.94 12.65 -30.87
N ARG B 46 -1.54 13.35 -31.93
CA ARG B 46 -2.49 13.73 -32.97
C ARG B 46 -3.17 12.49 -33.54
N ILE B 47 -2.39 11.44 -33.81
CA ILE B 47 -2.96 10.23 -34.39
C ILE B 47 -3.85 9.51 -33.38
N LYS B 48 -3.41 9.40 -32.13
CA LYS B 48 -4.25 8.75 -31.12
C LYS B 48 -5.56 9.51 -30.93
N LEU B 49 -5.53 10.83 -30.98
CA LEU B 49 -6.78 11.61 -30.77
C LEU B 49 -7.70 11.55 -31.98
N LEU B 50 -7.31 10.89 -33.07
CA LEU B 50 -8.25 10.86 -34.21
C LEU B 50 -8.90 9.48 -34.27
N LEU B 51 -8.32 8.50 -33.60
CA LEU B 51 -8.92 7.15 -33.58
C LEU B 51 -9.67 6.89 -32.27
N LYS B 52 -9.61 7.80 -31.29
CA LYS B 52 -10.35 7.54 -30.05
C LYS B 52 -11.84 7.75 -30.25
N PRO B 53 -12.68 6.74 -30.08
CA PRO B 53 -14.12 6.95 -30.08
C PRO B 53 -14.60 7.56 -28.76
N THR B 54 -15.72 8.28 -28.83
CA THR B 54 -16.27 8.94 -27.66
C THR B 54 -16.83 7.91 -26.67
N PRO B 55 -16.92 8.29 -25.39
CA PRO B 55 -17.65 7.42 -24.43
C PRO B 55 -19.07 7.11 -24.87
N ASN B 56 -19.74 8.08 -25.49
CA ASN B 56 -21.12 7.85 -25.89
C ASN B 56 -21.23 6.94 -27.11
N THR B 57 -20.22 6.93 -27.98
CA THR B 57 -20.25 5.96 -29.07
C THR B 57 -20.02 4.55 -28.55
N VAL B 58 -19.08 4.38 -27.62
CA VAL B 58 -18.84 3.06 -27.04
C VAL B 58 -20.07 2.59 -26.28
N HIS B 59 -20.75 3.49 -25.55
CA HIS B 59 -21.98 3.12 -24.85
C HIS B 59 -23.05 2.66 -25.83
N TYR B 60 -23.22 3.38 -26.93
CA TYR B 60 -24.18 2.98 -27.94
C TYR B 60 -23.91 1.56 -28.43
N ILE B 61 -22.64 1.25 -28.72
CA ILE B 61 -22.30 -0.06 -29.26
C ILE B 61 -22.62 -1.17 -28.26
N LEU B 62 -22.30 -0.96 -26.99
CA LEU B 62 -22.54 -1.97 -25.97
C LEU B 62 -24.01 -2.12 -25.60
N THR B 63 -24.88 -1.18 -25.97
CA THR B 63 -26.30 -1.26 -25.61
C THR B 63 -27.18 -1.51 -26.83
N HIS B 64 -26.59 -1.93 -27.94
CA HIS B 64 -27.34 -2.33 -29.11
C HIS B 64 -26.72 -3.63 -29.62
N PHE B 65 -27.22 -4.12 -30.75
CA PHE B 65 -26.72 -5.32 -31.41
C PHE B 65 -26.79 -6.53 -30.48
N LYS B 66 -27.94 -6.73 -29.84
CA LYS B 66 -28.00 -7.81 -28.86
C LYS B 66 -27.74 -9.15 -29.51
N GLY B 67 -28.17 -9.34 -30.76
CA GLY B 67 -27.88 -10.58 -31.45
C GLY B 67 -26.39 -10.84 -31.62
N VAL B 68 -25.62 -9.79 -31.88
CA VAL B 68 -24.17 -9.96 -32.01
C VAL B 68 -23.54 -10.20 -30.65
N TRP B 69 -24.08 -9.60 -29.61
CA TRP B 69 -23.53 -9.75 -28.23
C TRP B 69 -23.80 -11.16 -27.68
N ASN B 70 -24.92 -11.77 -28.08
CA ASN B 70 -25.29 -13.14 -27.64
C ASN B 70 -24.27 -14.13 -28.21
N ILE B 71 -23.82 -13.85 -29.42
CA ILE B 71 -22.74 -14.60 -30.09
C ILE B 71 -21.49 -14.39 -29.24
N VAL B 72 -21.06 -13.15 -29.05
CA VAL B 72 -19.81 -12.84 -28.36
C VAL B 72 -19.80 -13.47 -26.96
N ASN B 73 -20.91 -13.30 -26.23
CA ASN B 73 -20.94 -13.77 -24.84
C ASN B 73 -20.73 -15.27 -24.72
N ASN B 74 -20.93 -16.03 -25.79
CA ASN B 74 -20.76 -17.47 -25.76
C ASN B 74 -19.50 -17.95 -26.47
N ILE B 75 -18.58 -17.05 -26.78
CA ILE B 75 -17.25 -17.40 -27.31
C ILE B 75 -16.25 -16.95 -26.24
N PRO B 76 -15.77 -17.86 -25.38
CA PRO B 76 -14.94 -17.43 -24.24
C PRO B 76 -13.72 -16.62 -24.63
N PHE B 77 -13.04 -16.99 -25.72
CA PHE B 77 -11.89 -16.24 -26.18
C PHE B 77 -12.27 -14.80 -26.50
N LEU B 78 -13.41 -14.60 -27.16
CA LEU B 78 -13.86 -13.25 -27.49
C LEU B 78 -14.28 -12.50 -26.23
N ARG B 79 -14.97 -13.19 -25.32
CA ARG B 79 -15.44 -12.55 -24.11
C ARG B 79 -14.28 -12.03 -23.25
N SER B 80 -13.21 -12.81 -23.13
CA SER B 80 -12.10 -12.35 -22.30
C SER B 80 -11.36 -11.20 -22.97
N LEU B 81 -11.28 -11.22 -24.30
CA LEU B 81 -10.59 -10.14 -25.00
C LEU B 81 -11.31 -8.82 -24.80
N ILE B 82 -12.64 -8.83 -24.86
CA ILE B 82 -13.41 -7.61 -24.67
C ILE B 82 -13.35 -7.16 -23.21
N MET B 83 -13.52 -8.10 -22.28
CA MET B 83 -13.42 -7.74 -20.87
C MET B 83 -12.04 -7.19 -20.53
N LYS B 84 -10.99 -7.75 -21.14
CA LYS B 84 -9.65 -7.19 -20.95
C LYS B 84 -9.57 -5.75 -21.46
N TYR B 85 -10.20 -5.47 -22.60
CA TYR B 85 -10.26 -4.10 -23.11
C TYR B 85 -11.00 -3.17 -22.15
N VAL B 86 -12.12 -3.65 -21.61
CA VAL B 86 -12.92 -2.86 -20.66
C VAL B 86 -12.09 -2.50 -19.43
N LEU B 87 -11.31 -3.45 -18.92
CA LEU B 87 -10.53 -3.21 -17.71
C LEU B 87 -9.37 -2.24 -17.98
N THR B 88 -8.62 -2.46 -19.08
CA THR B 88 -7.40 -1.68 -19.27
C THR B 88 -7.68 -0.27 -19.77
N SER B 89 -8.79 -0.06 -20.49
CA SER B 89 -9.09 1.27 -21.02
C SER B 89 -9.22 2.30 -19.91
N ARG B 90 -9.75 1.91 -18.75
CA ARG B 90 -9.98 2.81 -17.64
C ARG B 90 -8.86 2.77 -16.60
N SER B 91 -7.71 2.20 -16.95
CA SER B 91 -6.64 2.04 -15.97
C SER B 91 -5.87 3.33 -15.75
N TYR B 92 -5.46 3.97 -16.85
CA TYR B 92 -4.58 5.13 -16.84
C TYR B 92 -5.15 6.35 -16.13
N LEU B 93 -6.38 6.26 -15.63
CA LEU B 93 -7.09 7.45 -15.16
C LEU B 93 -6.87 7.77 -13.68
N ILE B 94 -6.54 6.78 -12.85
CA ILE B 94 -6.41 7.00 -11.41
C ILE B 94 -4.93 7.07 -11.03
N ASP B 95 -4.56 8.10 -10.27
CA ASP B 95 -3.20 8.18 -9.72
C ASP B 95 -3.01 7.08 -8.67
N SER B 96 -2.04 6.20 -8.90
CA SER B 96 -1.84 5.10 -7.96
C SER B 96 -0.38 4.66 -8.02
N PRO B 97 0.44 4.93 -6.98
CA PRO B 97 0.18 5.58 -5.67
C PRO B 97 -0.54 6.93 -5.74
N PRO B 98 -1.35 7.23 -4.73
CA PRO B 98 -2.20 8.44 -4.76
C PRO B 98 -1.39 9.70 -4.51
N THR B 99 -2.03 10.86 -4.79
CA THR B 99 -1.36 12.14 -4.76
C THR B 99 -2.05 13.08 -3.78
N TYR B 100 -2.97 13.94 -4.24
CA TYR B 100 -3.45 15.08 -3.46
C TYR B 100 -4.45 14.66 -2.37
N ASN B 101 -4.72 15.60 -1.44
CA ASN B 101 -5.85 15.46 -0.51
C ASN B 101 -6.34 16.86 -0.14
N VAL B 102 -7.30 16.94 0.79
CA VAL B 102 -7.95 18.22 1.08
C VAL B 102 -6.96 19.28 1.58
N HIS B 103 -5.86 18.87 2.22
CA HIS B 103 -4.89 19.82 2.76
C HIS B 103 -3.66 20.01 1.91
N TYR B 104 -3.49 19.23 0.84
CA TYR B 104 -2.27 19.29 0.03
C TYR B 104 -2.65 19.34 -1.45
N GLY B 105 -2.51 20.52 -2.05
CA GLY B 105 -2.62 20.71 -3.48
C GLY B 105 -1.34 20.46 -4.25
N TYR B 106 -0.27 20.06 -3.54
CA TYR B 106 0.99 19.60 -4.11
C TYR B 106 1.31 18.25 -3.47
N LYS B 107 2.12 17.44 -4.15
CA LYS B 107 2.49 16.13 -3.61
C LYS B 107 3.38 16.27 -2.40
N SER B 108 3.13 15.44 -1.39
CA SER B 108 3.91 15.46 -0.16
C SER B 108 3.88 14.09 0.50
N TRP B 109 4.88 13.83 1.34
CA TRP B 109 4.91 12.59 2.10
C TRP B 109 3.75 12.50 3.07
N GLU B 110 3.30 13.63 3.61
CA GLU B 110 2.13 13.61 4.49
C GLU B 110 0.90 13.13 3.73
N ALA B 111 0.67 13.68 2.54
CA ALA B 111 -0.48 13.24 1.72
C ALA B 111 -0.35 11.78 1.32
N PHE B 112 0.85 11.34 0.89
CA PHE B 112 0.99 9.92 0.52
C PHE B 112 0.72 8.99 1.70
N SER B 113 1.23 9.31 2.91
CA SER B 113 1.32 8.30 3.97
C SER B 113 0.18 8.32 4.99
N ASN B 114 -0.54 9.43 5.16
CA ASN B 114 -1.56 9.52 6.19
C ASN B 114 -2.85 8.89 5.67
N LEU B 115 -3.15 7.67 6.11
CA LEU B 115 -4.33 6.93 5.63
C LEU B 115 -5.66 7.47 6.17
N SER B 116 -5.65 8.42 7.11
CA SER B 116 -6.91 8.97 7.58
C SER B 116 -7.58 9.94 6.61
N TYR B 117 -6.91 10.33 5.52
CA TYR B 117 -7.51 11.18 4.51
C TYR B 117 -8.18 10.36 3.40
N TYR B 118 -9.29 10.88 2.88
CA TYR B 118 -9.65 10.57 1.50
C TYR B 118 -8.62 11.22 0.58
N THR B 119 -8.24 10.52 -0.48
CA THR B 119 -7.38 11.15 -1.47
C THR B 119 -8.25 11.97 -2.44
N ARG B 120 -7.60 12.75 -3.31
CA ARG B 120 -8.30 13.67 -4.21
C ARG B 120 -7.84 13.48 -5.65
N ALA B 121 -8.81 13.32 -6.56
CA ALA B 121 -8.50 13.18 -7.97
C ALA B 121 -8.15 14.52 -8.62
N LEU B 122 -8.70 15.63 -8.10
CA LEU B 122 -8.21 16.96 -8.43
C LEU B 122 -7.82 17.69 -7.16
N PRO B 123 -6.73 18.45 -7.16
CA PRO B 123 -6.33 19.16 -5.94
C PRO B 123 -7.32 20.27 -5.62
N PRO B 124 -7.44 20.65 -4.36
CA PRO B 124 -8.40 21.71 -4.00
C PRO B 124 -8.00 23.07 -4.54
N VAL B 125 -9.02 23.91 -4.77
CA VAL B 125 -8.78 25.32 -5.08
C VAL B 125 -8.07 25.99 -3.91
N ALA B 126 -7.02 26.76 -4.20
CA ALA B 126 -6.20 27.35 -3.15
C ALA B 126 -7.02 28.35 -2.32
N ASP B 127 -6.56 28.58 -1.09
CA ASP B 127 -7.33 29.32 -0.08
C ASP B 127 -7.50 30.79 -0.43
N ASP B 128 -6.61 31.38 -1.22
CA ASP B 128 -6.66 32.82 -1.47
C ASP B 128 -7.17 33.18 -2.86
N CYS B 129 -7.79 32.23 -3.55
CA CYS B 129 -8.28 32.47 -4.90
C CYS B 129 -9.44 33.46 -4.87
N PRO B 130 -9.59 34.31 -5.90
CA PRO B 130 -10.57 35.41 -5.82
C PRO B 130 -12.04 34.95 -5.87
N THR B 131 -12.33 33.79 -6.44
CA THR B 131 -13.68 33.23 -6.47
C THR B 131 -13.65 31.80 -5.98
N PRO B 132 -14.79 31.22 -5.61
CA PRO B 132 -14.79 29.83 -5.13
C PRO B 132 -14.23 28.82 -6.12
N MET B 133 -14.45 28.98 -7.42
CA MET B 133 -13.92 28.04 -8.39
C MET B 133 -12.54 28.43 -8.93
N GLY B 134 -11.98 29.55 -8.50
CA GLY B 134 -10.68 29.99 -8.99
C GLY B 134 -10.67 31.46 -9.39
N VAL B 135 -10.95 31.73 -10.65
CA VAL B 135 -11.09 33.11 -11.14
C VAL B 135 -12.45 33.38 -11.77
N LYS B 136 -13.19 32.36 -12.21
CA LYS B 136 -14.45 32.54 -12.91
C LYS B 136 -15.61 32.66 -11.92
N GLY B 137 -16.71 33.28 -12.39
CA GLY B 137 -17.92 33.38 -11.61
C GLY B 137 -17.93 34.56 -10.65
N ASN B 138 -18.90 34.54 -9.75
CA ASN B 138 -19.05 35.57 -8.75
C ASN B 138 -18.27 35.24 -7.48
N LYS B 139 -18.22 36.21 -6.56
CA LYS B 139 -17.41 36.07 -5.35
C LYS B 139 -17.93 34.99 -4.43
N GLU B 140 -19.24 34.70 -4.46
CA GLU B 140 -19.82 33.61 -3.69
C GLU B 140 -20.73 32.78 -4.59
N LEU B 141 -20.71 31.46 -4.39
CA LEU B 141 -21.60 30.56 -5.12
C LEU B 141 -23.06 30.78 -4.69
N PRO B 142 -24.03 30.35 -5.51
CA PRO B 142 -25.44 30.55 -5.15
C PRO B 142 -25.83 29.79 -3.90
N ASP B 143 -26.84 30.32 -3.21
CA ASP B 143 -27.39 29.69 -2.01
C ASP B 143 -27.73 28.24 -2.28
N SER B 144 -27.18 27.33 -1.46
CA SER B 144 -27.39 25.91 -1.72
C SER B 144 -28.83 25.52 -1.48
N LYS B 145 -29.55 26.23 -0.60
CA LYS B 145 -30.97 25.95 -0.42
C LYS B 145 -31.75 26.26 -1.69
N GLU B 146 -31.38 27.35 -2.39
CA GLU B 146 -32.04 27.68 -3.64
C GLU B 146 -31.73 26.64 -4.71
N VAL B 147 -30.48 26.15 -4.77
CA VAL B 147 -30.13 25.09 -5.72
C VAL B 147 -30.94 23.83 -5.43
N LEU B 148 -30.88 23.37 -4.19
CA LEU B 148 -31.64 22.20 -3.74
C LEU B 148 -33.13 22.30 -4.10
N GLU B 149 -33.76 23.42 -3.73
CA GLU B 149 -35.20 23.56 -3.91
C GLU B 149 -35.59 23.67 -5.37
N LYS B 150 -34.82 24.40 -6.18
CA LYS B 150 -35.23 24.65 -7.55
C LYS B 150 -35.01 23.44 -8.46
N VAL B 151 -33.95 22.65 -8.28
CA VAL B 151 -33.67 21.61 -9.26
C VAL B 151 -33.42 20.21 -8.69
N LEU B 152 -33.37 20.07 -7.35
CA LEU B 152 -33.08 18.76 -6.76
C LEU B 152 -34.28 18.08 -6.08
N LEU B 153 -35.16 18.82 -5.41
CA LEU B 153 -36.21 18.18 -4.63
C LEU B 153 -37.26 17.50 -5.51
N ARG B 154 -37.72 16.34 -5.06
CA ARG B 154 -38.72 15.54 -5.77
C ARG B 154 -40.12 16.18 -5.72
N ARG B 155 -40.76 16.33 -6.89
CA ARG B 155 -42.17 16.72 -6.90
C ARG B 155 -43.02 15.46 -6.93
N GLU B 156 -43.18 14.85 -8.10
CA GLU B 156 -43.71 13.50 -8.23
C GLU B 156 -42.56 12.52 -8.37
N PHE B 157 -42.73 11.32 -7.79
CA PHE B 157 -41.72 10.26 -7.87
C PHE B 157 -41.43 9.87 -9.32
N ILE B 158 -40.16 9.87 -9.69
CA ILE B 158 -39.72 9.45 -11.02
C ILE B 158 -39.07 8.07 -10.92
N PRO B 159 -39.71 7.02 -11.43
CA PRO B 159 -39.12 5.68 -11.32
C PRO B 159 -37.94 5.51 -12.25
N ASP B 160 -37.01 4.64 -11.85
CA ASP B 160 -35.85 4.34 -12.69
C ASP B 160 -36.30 3.57 -13.92
N PRO B 161 -36.06 4.08 -15.14
CA PRO B 161 -36.47 3.31 -16.34
C PRO B 161 -35.67 2.02 -16.54
N GLN B 162 -34.50 1.88 -15.93
CA GLN B 162 -33.75 0.63 -16.03
C GLN B 162 -34.29 -0.45 -15.08
N GLY B 163 -35.26 -0.12 -14.23
CA GLY B 163 -35.91 -1.12 -13.42
C GLY B 163 -35.21 -1.50 -12.12
N SER B 164 -34.28 -0.68 -11.62
CA SER B 164 -33.63 -0.96 -10.36
C SER B 164 -34.66 -1.05 -9.23
N ASN B 165 -34.44 -1.98 -8.30
CA ASN B 165 -35.40 -2.27 -7.22
C ASN B 165 -34.77 -1.95 -5.85
N MET B 166 -35.49 -2.29 -4.79
CA MET B 166 -34.96 -2.01 -3.47
C MET B 166 -33.88 -3.00 -3.02
N MET B 167 -33.82 -4.20 -3.60
CA MET B 167 -32.63 -5.03 -3.34
C MET B 167 -31.38 -4.31 -3.80
N PHE B 168 -31.45 -3.66 -4.97
CA PHE B 168 -30.30 -2.92 -5.49
C PHE B 168 -29.96 -1.75 -4.59
N ALA B 169 -30.97 -0.98 -4.19
CA ALA B 169 -30.71 0.28 -3.46
C ALA B 169 -30.05 0.00 -2.13
N PHE B 170 -30.54 -1.02 -1.41
CA PHE B 170 -29.95 -1.38 -0.13
C PHE B 170 -28.63 -2.11 -0.30
N PHE B 171 -28.43 -2.88 -1.38
CA PHE B 171 -27.11 -3.44 -1.63
C PHE B 171 -26.08 -2.32 -1.80
N ALA B 172 -26.44 -1.27 -2.56
CA ALA B 172 -25.55 -0.14 -2.75
C ALA B 172 -25.17 0.48 -1.42
N GLN B 173 -26.15 0.71 -0.56
CA GLN B 173 -25.86 1.35 0.72
C GLN B 173 -24.99 0.45 1.59
N HIS B 174 -25.34 -0.83 1.67
CA HIS B 174 -24.60 -1.77 2.52
C HIS B 174 -23.15 -1.92 2.02
N PHE B 175 -22.98 -2.14 0.71
CA PHE B 175 -21.65 -2.38 0.16
C PHE B 175 -20.73 -1.16 0.32
N THR B 176 -21.22 0.04 -0.08
CA THR B 176 -20.32 1.20 -0.11
C THR B 176 -19.98 1.71 1.28
N HIS B 177 -20.80 1.44 2.28
CA HIS B 177 -20.49 1.96 3.61
C HIS B 177 -19.43 1.13 4.35
N GLN B 178 -18.80 0.16 3.69
CA GLN B 178 -17.55 -0.36 4.23
C GLN B 178 -16.36 0.55 3.88
N PHE B 179 -16.42 1.35 2.81
CA PHE B 179 -15.30 2.23 2.51
C PHE B 179 -15.63 3.73 2.48
N PHE B 180 -16.91 4.12 2.54
CA PHE B 180 -17.29 5.52 2.81
C PHE B 180 -17.70 5.59 4.27
N LYS B 181 -16.80 6.07 5.14
CA LYS B 181 -16.99 6.09 6.59
C LYS B 181 -16.38 7.39 7.12
N THR B 182 -17.05 8.49 6.83
CA THR B 182 -16.48 9.80 7.08
C THR B 182 -16.27 10.03 8.58
N ASP B 183 -15.09 10.57 8.93
CA ASP B 183 -14.70 10.84 10.32
C ASP B 183 -15.11 12.27 10.65
N HIS B 184 -16.38 12.45 11.00
CA HIS B 184 -16.85 13.82 11.09
C HIS B 184 -16.32 14.58 12.31
N LYS B 185 -15.71 13.89 13.29
CA LYS B 185 -14.94 14.60 14.30
C LYS B 185 -13.82 15.41 13.66
N ARG B 186 -13.22 14.88 12.60
CA ARG B 186 -12.11 15.52 11.92
C ARG B 186 -12.55 16.41 10.76
N GLY B 187 -13.51 15.96 9.96
CA GLY B 187 -13.97 16.75 8.84
C GLY B 187 -14.36 15.87 7.66
N PRO B 188 -15.04 16.50 6.69
CA PRO B 188 -15.56 15.71 5.54
C PRO B 188 -14.49 15.10 4.65
N GLY B 189 -13.26 15.63 4.67
CA GLY B 189 -12.19 15.00 3.93
C GLY B 189 -11.45 13.88 4.64
N PHE B 190 -11.94 13.40 5.79
CA PHE B 190 -11.27 12.34 6.56
C PHE B 190 -12.13 11.08 6.63
N THR B 191 -11.47 9.93 6.71
CA THR B 191 -12.16 8.65 6.76
C THR B 191 -11.71 7.80 7.95
N ARG B 192 -12.61 6.94 8.40
CA ARG B 192 -12.29 5.90 9.37
C ARG B 192 -12.08 4.55 8.70
N GLY B 193 -12.27 4.44 7.39
CA GLY B 193 -12.01 3.18 6.71
C GLY B 193 -10.56 3.07 6.24
N LEU B 194 -9.65 2.68 7.15
CA LEU B 194 -8.22 2.70 6.86
C LEU B 194 -7.78 1.59 5.92
N GLY B 195 -8.62 0.57 5.71
CA GLY B 195 -8.35 -0.41 4.67
C GLY B 195 -8.54 0.12 3.26
N HIS B 196 -9.33 1.20 3.10
CA HIS B 196 -9.52 1.86 1.80
C HIS B 196 -10.01 0.91 0.72
N GLY B 197 -11.00 0.06 1.03
CA GLY B 197 -11.46 -0.86 0.00
C GLY B 197 -12.38 -1.94 0.51
N VAL B 198 -12.39 -3.06 -0.21
CA VAL B 198 -13.33 -4.16 0.05
C VAL B 198 -12.63 -5.12 0.99
N ASP B 199 -12.60 -4.78 2.27
CA ASP B 199 -12.06 -5.67 3.30
C ASP B 199 -13.15 -6.32 4.16
N LEU B 200 -14.42 -5.94 3.93
CA LEU B 200 -15.57 -6.45 4.69
C LEU B 200 -15.51 -6.08 6.18
N ASN B 201 -14.90 -4.94 6.52
CA ASN B 201 -14.95 -4.46 7.89
C ASN B 201 -16.39 -4.18 8.37
N HIS B 202 -17.33 -3.97 7.43
CA HIS B 202 -18.73 -3.75 7.83
C HIS B 202 -19.40 -5.04 8.31
N ILE B 203 -18.75 -6.18 8.13
CA ILE B 203 -19.19 -7.43 8.72
C ILE B 203 -18.32 -7.82 9.92
N TYR B 204 -17.01 -7.64 9.82
CA TYR B 204 -16.08 -8.17 10.83
C TYR B 204 -15.56 -7.11 11.78
N GLY B 205 -15.80 -5.83 11.51
CA GLY B 205 -15.25 -4.80 12.36
C GLY B 205 -13.93 -4.25 11.85
N GLU B 206 -13.71 -2.96 12.11
CA GLU B 206 -12.53 -2.27 11.61
C GLU B 206 -11.26 -2.62 12.41
N THR B 207 -11.36 -2.90 13.71
CA THR B 207 -10.22 -3.21 14.57
C THR B 207 -10.30 -4.64 15.09
N LEU B 208 -9.13 -5.16 15.50
CA LEU B 208 -9.06 -6.54 15.99
C LEU B 208 -9.89 -6.73 17.25
N ASP B 209 -9.88 -5.75 18.17
CA ASP B 209 -10.68 -5.84 19.37
C ASP B 209 -12.17 -5.97 19.05
N ARG B 210 -12.67 -5.22 18.06
CA ARG B 210 -14.08 -5.36 17.68
C ARG B 210 -14.37 -6.72 17.05
N GLN B 211 -13.49 -7.17 16.14
CA GLN B 211 -13.63 -8.49 15.54
C GLN B 211 -13.71 -9.60 16.60
N HIS B 212 -12.82 -9.57 17.60
CA HIS B 212 -12.83 -10.64 18.59
C HIS B 212 -14.11 -10.63 19.43
N LYS B 213 -14.69 -9.46 19.69
CA LYS B 213 -15.97 -9.46 20.40
C LYS B 213 -17.12 -9.98 19.55
N LEU B 214 -17.00 -9.96 18.23
CA LEU B 214 -18.03 -10.46 17.33
C LEU B 214 -17.89 -11.95 17.03
N ARG B 215 -16.74 -12.58 17.33
CA ARG B 215 -16.47 -13.96 16.95
C ARG B 215 -16.88 -14.95 18.04
N LEU B 216 -17.34 -16.12 17.60
CA LEU B 216 -17.71 -17.21 18.51
C LEU B 216 -16.49 -17.98 19.03
N PHE B 217 -15.40 -18.03 18.27
CA PHE B 217 -14.19 -18.80 18.59
C PHE B 217 -14.46 -20.31 18.66
N LYS B 218 -15.49 -20.78 17.95
CA LYS B 218 -15.63 -22.20 17.66
C LYS B 218 -15.95 -22.33 16.18
N ASP B 219 -15.21 -23.22 15.49
CA ASP B 219 -15.46 -23.57 14.09
C ASP B 219 -15.29 -22.38 13.13
N GLY B 220 -14.59 -21.32 13.54
CA GLY B 220 -14.40 -20.15 12.69
C GLY B 220 -15.56 -19.18 12.64
N LYS B 221 -16.59 -19.35 13.46
CA LYS B 221 -17.88 -18.69 13.23
C LYS B 221 -17.99 -17.31 13.89
N LEU B 222 -19.01 -16.56 13.48
CA LEU B 222 -19.45 -15.34 14.15
C LEU B 222 -20.54 -15.68 15.15
N LYS B 223 -20.58 -14.92 16.25
CA LYS B 223 -21.68 -15.06 17.22
C LYS B 223 -23.02 -14.70 16.56
N TYR B 224 -24.10 -15.27 17.12
CA TYR B 224 -25.46 -15.08 16.61
C TYR B 224 -26.46 -15.32 17.73
N GLN B 225 -27.73 -15.03 17.45
CA GLN B 225 -28.87 -15.39 18.30
C GLN B 225 -29.96 -16.00 17.42
N VAL B 226 -30.93 -16.62 18.07
CA VAL B 226 -32.04 -17.29 17.41
C VAL B 226 -33.34 -16.70 17.95
N ILE B 227 -34.13 -16.12 17.05
CA ILE B 227 -35.42 -15.54 17.41
C ILE B 227 -36.47 -16.20 16.54
N GLY B 228 -37.45 -16.84 17.16
CA GLY B 228 -38.49 -17.56 16.44
C GLY B 228 -37.93 -18.61 15.48
N GLY B 229 -36.84 -19.26 15.85
CA GLY B 229 -36.24 -20.27 15.00
C GLY B 229 -35.38 -19.75 13.88
N GLU B 230 -35.12 -18.45 13.82
CA GLU B 230 -34.33 -17.83 12.77
C GLU B 230 -33.07 -17.20 13.36
N VAL B 231 -31.97 -17.27 12.58
CA VAL B 231 -30.66 -16.77 12.99
C VAL B 231 -30.53 -15.29 12.66
N TYR B 232 -30.22 -14.48 13.66
CA TYR B 232 -29.97 -13.05 13.53
C TYR B 232 -28.66 -12.70 14.19
N PRO B 233 -28.14 -11.48 13.94
CA PRO B 233 -26.92 -11.03 14.66
C PRO B 233 -27.17 -10.95 16.15
N PRO B 234 -26.10 -10.99 16.96
CA PRO B 234 -26.26 -10.96 18.42
C PRO B 234 -26.50 -9.53 18.90
N THR B 235 -26.72 -9.39 20.21
CA THR B 235 -27.04 -8.11 20.82
C THR B 235 -25.80 -7.36 21.30
N VAL B 236 -25.99 -6.07 21.54
CA VAL B 236 -24.94 -5.24 22.15
C VAL B 236 -24.61 -5.74 23.56
N LYS B 237 -25.63 -6.08 24.36
CA LYS B 237 -25.38 -6.46 25.75
C LYS B 237 -24.62 -7.78 25.85
N ASP B 238 -24.82 -8.69 24.88
CA ASP B 238 -24.11 -9.96 24.91
C ASP B 238 -22.68 -9.84 24.40
N THR B 239 -22.41 -8.93 23.45
CA THR B 239 -21.08 -8.81 22.85
C THR B 239 -20.24 -7.67 23.39
N GLN B 240 -20.86 -6.64 23.97
CA GLN B 240 -20.18 -5.40 24.34
C GLN B 240 -19.62 -4.64 23.13
N VAL B 241 -20.17 -4.91 21.95
CA VAL B 241 -19.82 -4.16 20.75
C VAL B 241 -20.62 -2.87 20.72
N GLU B 242 -19.95 -1.72 20.59
CA GLU B 242 -20.63 -0.43 20.57
C GLU B 242 -21.38 -0.23 19.25
N MET B 243 -22.64 0.24 19.34
CA MET B 243 -23.47 0.56 18.19
C MET B 243 -24.17 1.91 18.45
N ILE B 244 -24.61 2.55 17.36
CA ILE B 244 -25.39 3.79 17.40
C ILE B 244 -26.88 3.43 17.37
N TYR B 245 -27.58 3.65 18.48
CA TYR B 245 -29.03 3.43 18.60
C TYR B 245 -29.61 4.58 19.41
N PRO B 246 -30.78 5.08 19.02
CA PRO B 246 -31.49 6.02 19.87
C PRO B 246 -31.75 5.40 21.23
N PRO B 247 -31.85 6.20 22.28
CA PRO B 247 -31.95 5.64 23.64
C PRO B 247 -33.20 4.83 23.91
N HIS B 248 -34.23 4.88 23.06
CA HIS B 248 -35.46 4.16 23.36
C HIS B 248 -35.50 2.74 22.77
N ILE B 249 -34.44 2.29 22.12
CA ILE B 249 -34.44 0.96 21.52
C ILE B 249 -34.28 -0.07 22.64
N PRO B 250 -35.15 -1.09 22.71
CA PRO B 250 -35.00 -2.11 23.75
C PRO B 250 -33.72 -2.91 23.56
N GLU B 251 -33.18 -3.41 24.69
CA GLU B 251 -31.91 -4.12 24.66
C GLU B 251 -31.93 -5.33 23.72
N ASN B 252 -33.07 -6.02 23.63
CA ASN B 252 -33.16 -7.20 22.76
C ASN B 252 -33.19 -6.83 21.28
N LEU B 253 -33.43 -5.56 20.94
CA LEU B 253 -33.42 -5.14 19.55
C LEU B 253 -32.17 -4.37 19.16
N GLN B 254 -31.18 -4.29 20.05
CA GLN B 254 -29.92 -3.61 19.74
C GLN B 254 -28.95 -4.62 19.13
N PHE B 255 -29.10 -4.84 17.83
CA PHE B 255 -28.24 -5.79 17.13
C PHE B 255 -26.81 -5.25 16.97
N ALA B 256 -25.82 -6.14 17.09
CA ALA B 256 -24.40 -5.81 16.99
C ALA B 256 -23.78 -6.42 15.73
N VAL B 257 -23.24 -5.56 14.86
CA VAL B 257 -22.61 -5.98 13.61
C VAL B 257 -21.34 -5.15 13.41
N GLY B 258 -20.61 -5.46 12.33
CA GLY B 258 -19.30 -4.85 12.11
C GLY B 258 -19.35 -3.33 11.96
N GLN B 259 -20.34 -2.81 11.26
CA GLN B 259 -20.47 -1.37 11.01
C GLN B 259 -21.42 -0.77 12.04
N GLU B 260 -20.94 0.23 12.79
CA GLU B 260 -21.67 0.77 13.93
C GLU B 260 -23.01 1.43 13.55
N VAL B 261 -23.25 1.77 12.28
CA VAL B 261 -24.47 2.50 11.94
C VAL B 261 -25.54 1.63 11.29
N PHE B 262 -25.30 0.33 11.11
CA PHE B 262 -26.25 -0.47 10.33
C PHE B 262 -27.55 -0.76 11.06
N GLY B 263 -27.62 -0.52 12.38
CA GLY B 263 -28.91 -0.61 13.06
C GLY B 263 -29.89 0.50 12.70
N LEU B 264 -29.47 1.49 11.92
CA LEU B 264 -30.29 2.65 11.61
C LEU B 264 -31.40 2.35 10.61
N VAL B 265 -31.19 1.38 9.73
CA VAL B 265 -32.07 1.12 8.60
C VAL B 265 -32.37 -0.37 8.58
N PRO B 266 -33.64 -0.80 8.60
CA PRO B 266 -33.92 -2.24 8.51
C PRO B 266 -33.43 -2.89 7.20
N GLY B 267 -33.34 -2.14 6.11
CA GLY B 267 -32.74 -2.66 4.88
C GLY B 267 -31.26 -2.98 5.01
N LEU B 268 -30.55 -2.25 5.86
CA LEU B 268 -29.15 -2.59 6.09
C LEU B 268 -29.03 -3.81 7.00
N MET B 269 -29.91 -3.94 7.99
CA MET B 269 -29.89 -5.12 8.84
C MET B 269 -30.26 -6.39 8.06
N MET B 270 -31.06 -6.25 6.98
CA MET B 270 -31.38 -7.41 6.16
C MET B 270 -30.11 -8.00 5.55
N TYR B 271 -29.28 -7.17 4.92
CA TYR B 271 -28.02 -7.64 4.33
C TYR B 271 -26.99 -8.04 5.39
N ALA B 272 -26.95 -7.35 6.54
CA ALA B 272 -26.03 -7.77 7.60
C ALA B 272 -26.35 -9.19 8.07
N THR B 273 -27.64 -9.51 8.20
CA THR B 273 -28.06 -10.85 8.58
C THR B 273 -27.70 -11.87 7.50
N ILE B 274 -27.93 -11.52 6.22
CA ILE B 274 -27.62 -12.45 5.13
C ILE B 274 -26.13 -12.79 5.10
N TRP B 275 -25.26 -11.78 5.20
CA TRP B 275 -23.83 -12.02 5.13
C TRP B 275 -23.30 -12.73 6.38
N LEU B 276 -23.89 -12.48 7.55
CA LEU B 276 -23.50 -13.25 8.73
C LEU B 276 -23.79 -14.74 8.53
N ARG B 277 -24.98 -15.06 8.03
CA ARG B 277 -25.30 -16.46 7.73
C ARG B 277 -24.34 -17.05 6.70
N GLU B 278 -24.00 -16.27 5.67
CA GLU B 278 -23.10 -16.78 4.63
C GLU B 278 -21.73 -17.14 5.21
N HIS B 279 -21.22 -16.31 6.13
CA HIS B 279 -19.94 -16.63 6.76
C HIS B 279 -20.01 -17.97 7.48
N ASN B 280 -21.06 -18.18 8.28
CA ASN B 280 -21.16 -19.44 9.04
C ASN B 280 -21.45 -20.63 8.14
N ARG B 281 -22.10 -20.40 6.99
CA ARG B 281 -22.29 -21.48 6.03
C ARG B 281 -20.94 -21.92 5.44
N VAL B 282 -20.09 -20.95 5.09
CA VAL B 282 -18.77 -21.29 4.51
C VAL B 282 -17.87 -21.95 5.56
N CYS B 283 -17.98 -21.55 6.83
CA CYS B 283 -17.28 -22.29 7.89
C CYS B 283 -17.69 -23.76 7.92
N ASP B 284 -19.00 -24.04 7.82
CA ASP B 284 -19.48 -25.42 7.79
C ASP B 284 -18.84 -26.19 6.62
N ILE B 285 -18.81 -25.56 5.45
CA ILE B 285 -18.23 -26.20 4.26
C ILE B 285 -16.74 -26.45 4.44
N LEU B 286 -16.00 -25.46 4.96
CA LEU B 286 -14.56 -25.63 5.12
C LEU B 286 -14.22 -26.69 6.17
N LYS B 287 -15.04 -26.81 7.22
CA LYS B 287 -14.79 -27.84 8.23
C LYS B 287 -14.92 -29.25 7.65
N GLN B 288 -15.88 -29.46 6.73
CA GLN B 288 -16.04 -30.79 6.13
C GLN B 288 -14.88 -31.14 5.21
N GLU B 289 -14.27 -30.13 4.56
CA GLU B 289 -13.09 -30.36 3.75
C GLU B 289 -11.82 -30.48 4.60
N HIS B 290 -11.76 -29.78 5.74
CA HIS B 290 -10.57 -29.73 6.58
C HIS B 290 -10.93 -29.99 8.05
N PRO B 291 -11.25 -31.24 8.41
CA PRO B 291 -11.50 -31.54 9.82
C PRO B 291 -10.29 -31.27 10.73
N GLU B 292 -9.09 -31.17 10.15
CA GLU B 292 -7.88 -30.91 10.92
C GLU B 292 -7.65 -29.44 11.23
N TRP B 293 -8.40 -28.51 10.62
CA TRP B 293 -8.15 -27.09 10.85
C TRP B 293 -8.74 -26.63 12.19
N GLY B 294 -8.10 -25.61 12.78
CA GLY B 294 -8.60 -24.98 13.98
C GLY B 294 -9.47 -23.75 13.68
N ASP B 295 -9.94 -23.12 14.75
CA ASP B 295 -10.90 -22.02 14.61
C ASP B 295 -10.31 -20.85 13.83
N GLU B 296 -9.05 -20.49 14.10
CA GLU B 296 -8.45 -19.31 13.49
C GLU B 296 -8.36 -19.44 11.97
N GLN B 297 -7.85 -20.58 11.47
CA GLN B 297 -7.74 -20.74 10.01
C GLN B 297 -9.11 -20.84 9.35
N LEU B 298 -10.07 -21.49 10.00
CA LEU B 298 -11.44 -21.51 9.45
C LEU B 298 -12.01 -20.09 9.33
N PHE B 299 -11.86 -19.28 10.38
CA PHE B 299 -12.38 -17.92 10.33
C PHE B 299 -11.68 -17.11 9.23
N GLN B 300 -10.35 -17.16 9.18
CA GLN B 300 -9.64 -16.30 8.24
C GLN B 300 -9.94 -16.70 6.80
N THR B 301 -10.03 -18.00 6.52
CA THR B 301 -10.23 -18.46 5.16
C THR B 301 -11.65 -18.15 4.69
N SER B 302 -12.62 -18.25 5.61
CA SER B 302 -13.99 -17.84 5.31
C SER B 302 -14.06 -16.37 4.90
N ARG B 303 -13.35 -15.50 5.63
CA ARG B 303 -13.33 -14.08 5.29
C ARG B 303 -12.75 -13.85 3.89
N LEU B 304 -11.67 -14.56 3.53
CA LEU B 304 -11.11 -14.36 2.19
C LEU B 304 -12.10 -14.79 1.11
N ILE B 305 -12.80 -15.92 1.34
CA ILE B 305 -13.81 -16.39 0.39
C ILE B 305 -14.92 -15.35 0.23
N LEU B 306 -15.38 -14.76 1.35
CA LEU B 306 -16.49 -13.80 1.27
C LEU B 306 -16.07 -12.51 0.57
N ILE B 307 -14.81 -12.09 0.74
CA ILE B 307 -14.27 -10.98 -0.05
C ILE B 307 -14.35 -11.29 -1.53
N GLY B 308 -13.91 -12.50 -1.93
CA GLY B 308 -14.04 -12.92 -3.32
C GLY B 308 -15.47 -12.99 -3.81
N GLU B 309 -16.39 -13.49 -2.97
CA GLU B 309 -17.81 -13.51 -3.36
C GLU B 309 -18.35 -12.11 -3.57
N THR B 310 -17.93 -11.15 -2.75
CA THR B 310 -18.41 -9.78 -2.86
C THR B 310 -18.01 -9.18 -4.20
N ILE B 311 -16.74 -9.33 -4.56
CA ILE B 311 -16.23 -8.74 -5.80
C ILE B 311 -16.94 -9.38 -7.00
N LYS B 312 -17.12 -10.70 -6.96
CA LYS B 312 -17.82 -11.41 -8.01
C LYS B 312 -19.23 -10.85 -8.23
N ILE B 313 -19.99 -10.68 -7.15
CA ILE B 313 -21.36 -10.19 -7.28
C ILE B 313 -21.38 -8.74 -7.77
N VAL B 314 -20.50 -7.89 -7.22
CA VAL B 314 -20.51 -6.48 -7.62
C VAL B 314 -20.22 -6.33 -9.11
N ILE B 315 -19.30 -7.14 -9.64
CA ILE B 315 -19.00 -7.03 -11.06
C ILE B 315 -20.11 -7.66 -11.92
N GLU B 316 -20.46 -8.92 -11.65
CA GLU B 316 -21.26 -9.68 -12.61
C GLU B 316 -22.76 -9.56 -12.42
N ASP B 317 -23.23 -9.04 -11.28
CA ASP B 317 -24.65 -8.73 -11.09
C ASP B 317 -24.91 -7.25 -10.96
N TYR B 318 -24.15 -6.57 -10.09
CA TYR B 318 -24.42 -5.19 -9.72
C TYR B 318 -24.02 -4.20 -10.80
N ILE B 319 -22.74 -4.17 -11.15
CA ILE B 319 -22.29 -3.29 -12.23
C ILE B 319 -22.94 -3.71 -13.55
N GLN B 320 -23.11 -5.02 -13.75
CA GLN B 320 -23.77 -5.50 -14.95
C GLN B 320 -25.14 -4.87 -15.10
N HIS B 321 -25.90 -4.78 -14.01
CA HIS B 321 -27.24 -4.21 -14.07
C HIS B 321 -27.20 -2.70 -14.34
N LEU B 322 -26.35 -1.98 -13.60
CA LEU B 322 -26.20 -0.54 -13.79
C LEU B 322 -25.81 -0.19 -15.22
N SER B 323 -24.87 -0.95 -15.79
CA SER B 323 -24.31 -0.66 -17.11
C SER B 323 -25.39 -0.61 -18.20
N GLY B 324 -26.32 -1.56 -18.18
CA GLY B 324 -27.21 -1.72 -19.32
C GLY B 324 -26.61 -2.46 -20.50
N TYR B 325 -25.36 -2.93 -20.40
CA TYR B 325 -24.70 -3.57 -21.53
C TYR B 325 -25.34 -4.89 -21.87
N HIS B 326 -25.36 -5.21 -23.17
CA HIS B 326 -25.67 -6.56 -23.62
C HIS B 326 -24.48 -7.51 -23.45
N PHE B 327 -23.27 -6.97 -23.44
CA PHE B 327 -22.07 -7.77 -23.15
C PHE B 327 -22.07 -8.21 -21.68
N LYS B 328 -21.71 -9.47 -21.45
CA LYS B 328 -21.69 -10.03 -20.10
C LYS B 328 -20.31 -9.80 -19.48
N LEU B 329 -20.23 -8.85 -18.53
CA LEU B 329 -18.99 -8.62 -17.78
C LEU B 329 -18.54 -9.88 -17.06
N LYS B 330 -17.25 -9.94 -16.72
CA LYS B 330 -16.64 -11.12 -16.13
C LYS B 330 -15.64 -10.73 -15.05
N PHE B 331 -15.70 -11.39 -13.89
CA PHE B 331 -14.67 -11.26 -12.86
C PHE B 331 -13.59 -12.30 -13.10
N ASP B 332 -12.43 -11.84 -13.59
CA ASP B 332 -11.34 -12.76 -13.94
C ASP B 332 -10.00 -12.06 -13.74
N PRO B 333 -9.41 -12.22 -12.55
CA PRO B 333 -8.10 -11.59 -12.26
C PRO B 333 -6.99 -11.99 -13.22
N GLU B 334 -7.08 -13.15 -13.86
CA GLU B 334 -6.01 -13.56 -14.77
C GLU B 334 -5.89 -12.63 -15.97
N LEU B 335 -6.96 -11.89 -16.32
CA LEU B 335 -6.89 -10.96 -17.43
C LEU B 335 -5.86 -9.85 -17.24
N LEU B 336 -5.45 -9.57 -16.01
CA LEU B 336 -4.50 -8.51 -15.75
C LEU B 336 -3.06 -9.01 -15.57
N PHE B 337 -2.83 -10.33 -15.56
CA PHE B 337 -1.53 -10.86 -15.17
C PHE B 337 -0.41 -10.48 -16.15
N ASN B 338 -0.71 -10.17 -17.41
CA ASN B 338 0.35 -9.73 -18.32
C ASN B 338 0.25 -8.24 -18.65
N GLN B 339 -0.41 -7.46 -17.79
CA GLN B 339 -0.58 -6.02 -17.95
C GLN B 339 0.11 -5.28 -16.80
N GLN B 340 0.39 -4.00 -17.02
CA GLN B 340 0.87 -3.15 -15.93
C GLN B 340 -0.33 -2.69 -15.09
N PHE B 341 -0.28 -2.95 -13.78
CA PHE B 341 -1.41 -2.68 -12.91
C PHE B 341 -0.91 -2.69 -11.48
N GLN B 342 -1.37 -1.74 -10.68
CA GLN B 342 -0.96 -1.61 -9.28
C GLN B 342 -2.03 -2.22 -8.38
N TYR B 343 -1.65 -3.26 -7.61
CA TYR B 343 -2.59 -3.91 -6.69
C TYR B 343 -2.63 -3.13 -5.36
N GLN B 344 -3.32 -1.98 -5.41
CA GLN B 344 -3.47 -1.11 -4.24
C GLN B 344 -4.53 -0.07 -4.57
N ASN B 345 -5.09 0.54 -3.52
CA ASN B 345 -6.16 1.52 -3.73
C ASN B 345 -6.20 2.49 -2.56
N ARG B 346 -6.57 3.74 -2.84
CA ARG B 346 -6.89 4.75 -1.84
C ARG B 346 -8.22 5.40 -2.23
N ILE B 347 -9.18 5.43 -1.31
CA ILE B 347 -10.54 5.90 -1.64
C ILE B 347 -10.52 7.41 -1.83
N ALA B 348 -11.04 7.86 -2.98
CA ALA B 348 -11.05 9.28 -3.33
C ALA B 348 -12.30 9.97 -2.80
N SER B 349 -12.11 11.18 -2.28
CA SER B 349 -13.24 12.00 -1.84
C SER B 349 -14.33 12.10 -2.92
N GLU B 350 -13.94 12.35 -4.18
CA GLU B 350 -14.92 12.55 -5.24
C GLU B 350 -15.70 11.29 -5.55
N PHE B 351 -15.12 10.11 -5.28
CA PHE B 351 -15.88 8.86 -5.38
C PHE B 351 -17.02 8.81 -4.35
N ASN B 352 -16.71 9.21 -3.11
CA ASN B 352 -17.74 9.37 -2.08
C ASN B 352 -18.82 10.36 -2.53
N THR B 353 -18.43 11.51 -3.07
CA THR B 353 -19.40 12.53 -3.45
C THR B 353 -20.35 12.05 -4.55
N LEU B 354 -19.82 11.44 -5.62
CA LEU B 354 -20.69 11.03 -6.72
C LEU B 354 -21.63 9.90 -6.33
N TYR B 355 -21.31 9.14 -5.26
CA TYR B 355 -22.11 8.01 -4.82
CA TYR B 355 -22.11 8.01 -4.82
C TYR B 355 -23.25 8.41 -3.89
N HIS B 356 -23.54 9.70 -3.74
CA HIS B 356 -24.69 10.13 -2.94
C HIS B 356 -25.94 9.98 -3.79
N TRP B 357 -26.39 8.73 -3.93
CA TRP B 357 -27.52 8.38 -4.79
C TRP B 357 -28.87 8.47 -4.08
N HIS B 358 -29.16 9.57 -3.42
N HIS B 358 -29.09 9.58 -3.36
CA HIS B 358 -30.40 9.52 -2.66
CA HIS B 358 -30.36 9.85 -2.67
C HIS B 358 -31.71 9.71 -3.44
C HIS B 358 -31.60 9.54 -3.51
N PRO B 359 -31.73 10.01 -4.75
CA PRO B 359 -33.01 9.85 -5.50
C PRO B 359 -33.47 8.40 -5.64
N LEU B 360 -32.59 7.44 -5.36
CA LEU B 360 -32.96 6.02 -5.38
C LEU B 360 -34.08 5.71 -4.40
N LEU B 361 -34.17 6.45 -3.29
CA LEU B 361 -35.07 6.08 -2.21
C LEU B 361 -36.53 6.35 -2.60
N PRO B 362 -37.45 5.45 -2.26
CA PRO B 362 -38.87 5.64 -2.58
C PRO B 362 -39.51 6.60 -1.57
N ASP B 363 -40.81 6.85 -1.78
CA ASP B 363 -41.56 7.70 -0.85
C ASP B 363 -41.98 6.93 0.41
N THR B 364 -42.24 5.63 0.27
CA THR B 364 -42.56 4.76 1.38
C THR B 364 -41.90 3.41 1.09
N PHE B 365 -41.69 2.60 2.14
CA PHE B 365 -41.04 1.30 1.98
C PHE B 365 -42.13 0.24 2.13
N ASN B 366 -42.36 -0.52 1.05
CA ASN B 366 -43.56 -1.34 0.90
C ASN B 366 -43.18 -2.80 1.17
N ILE B 367 -43.65 -3.34 2.28
CA ILE B 367 -43.35 -4.70 2.69
C ILE B 367 -44.68 -5.41 2.91
N GLU B 368 -44.93 -6.48 2.15
CA GLU B 368 -46.21 -7.18 2.18
C GLU B 368 -47.37 -6.21 1.97
N ASP B 369 -48.30 -6.15 2.92
CA ASP B 369 -49.47 -5.28 2.83
C ASP B 369 -49.26 -3.93 3.50
N GLN B 370 -48.04 -3.59 3.89
CA GLN B 370 -47.76 -2.36 4.63
C GLN B 370 -47.00 -1.36 3.77
N GLU B 371 -47.23 -0.08 4.07
CA GLU B 371 -46.49 1.04 3.46
C GLU B 371 -45.92 1.89 4.58
N TYR B 372 -44.63 1.76 4.86
CA TYR B 372 -44.02 2.46 5.98
C TYR B 372 -43.46 3.80 5.51
N SER B 373 -43.73 4.85 6.28
CA SER B 373 -43.09 6.14 6.04
C SER B 373 -41.63 6.08 6.49
N PHE B 374 -40.86 7.12 6.14
CA PHE B 374 -39.49 7.25 6.62
C PHE B 374 -39.41 7.22 8.14
N LYS B 375 -40.31 7.95 8.81
CA LYS B 375 -40.31 8.00 10.27
C LYS B 375 -40.66 6.65 10.89
N GLN B 376 -41.52 5.87 10.25
CA GLN B 376 -41.82 4.54 10.78
C GLN B 376 -40.69 3.56 10.51
N PHE B 377 -39.93 3.78 9.44
CA PHE B 377 -38.96 2.79 9.00
C PHE B 377 -37.62 2.93 9.73
N LEU B 378 -37.17 4.16 9.98
CA LEU B 378 -35.85 4.38 10.54
C LEU B 378 -35.74 3.79 11.95
N TYR B 379 -34.67 3.05 12.18
CA TYR B 379 -34.29 2.54 13.50
C TYR B 379 -35.28 1.51 14.06
N ASN B 380 -36.08 0.88 13.22
CA ASN B 380 -37.17 0.00 13.67
C ASN B 380 -36.95 -1.41 13.15
N ASN B 381 -36.11 -2.18 13.87
CA ASN B 381 -35.84 -3.55 13.48
C ASN B 381 -36.98 -4.50 13.82
N SER B 382 -38.00 -4.03 14.57
CA SER B 382 -39.20 -4.84 14.76
C SER B 382 -39.84 -5.19 13.44
N ILE B 383 -39.69 -4.32 12.43
CA ILE B 383 -40.26 -4.58 11.11
C ILE B 383 -39.59 -5.80 10.49
N LEU B 384 -38.27 -5.91 10.66
CA LEU B 384 -37.56 -7.10 10.19
C LEU B 384 -38.07 -8.36 10.90
N LEU B 385 -38.22 -8.29 12.23
CA LEU B 385 -38.68 -9.46 12.97
C LEU B 385 -40.14 -9.79 12.67
N GLU B 386 -40.97 -8.77 12.51
CA GLU B 386 -42.38 -9.03 12.25
C GLU B 386 -42.56 -9.73 10.91
N HIS B 387 -41.87 -9.26 9.87
CA HIS B 387 -42.09 -9.76 8.51
C HIS B 387 -41.20 -10.93 8.16
N GLY B 388 -39.95 -10.94 8.59
CA GLY B 388 -39.02 -11.98 8.22
C GLY B 388 -38.22 -11.67 6.96
N LEU B 389 -37.12 -12.40 6.78
CA LEU B 389 -36.20 -12.16 5.67
C LEU B 389 -36.80 -12.56 4.33
N THR B 390 -37.52 -13.69 4.29
CA THR B 390 -38.15 -14.12 3.05
C THR B 390 -39.09 -13.04 2.51
N GLN B 391 -39.93 -12.47 3.38
CA GLN B 391 -40.87 -11.42 2.94
C GLN B 391 -40.14 -10.13 2.55
N PHE B 392 -39.08 -9.77 3.27
CA PHE B 392 -38.25 -8.63 2.87
C PHE B 392 -37.72 -8.80 1.45
N VAL B 393 -37.08 -9.96 1.16
CA VAL B 393 -36.53 -10.19 -0.18
C VAL B 393 -37.63 -10.14 -1.24
N GLU B 394 -38.75 -10.82 -0.97
CA GLU B 394 -39.86 -10.84 -1.94
C GLU B 394 -40.43 -9.45 -2.18
N SER B 395 -40.58 -8.64 -1.13
CA SER B 395 -41.12 -7.29 -1.27
C SER B 395 -40.11 -6.35 -1.93
N PHE B 396 -38.85 -6.39 -1.48
CA PHE B 396 -37.87 -5.46 -2.03
C PHE B 396 -37.52 -5.78 -3.47
N THR B 397 -37.64 -7.04 -3.88
CA THR B 397 -37.40 -7.41 -5.27
C THR B 397 -38.45 -6.79 -6.19
N ARG B 398 -39.66 -6.53 -5.68
CA ARG B 398 -40.78 -6.01 -6.47
C ARG B 398 -40.90 -4.49 -6.48
N GLN B 399 -40.32 -3.76 -5.53
CA GLN B 399 -40.52 -2.32 -5.45
C GLN B 399 -39.47 -1.57 -6.28
N ILE B 400 -39.95 -0.70 -7.18
CA ILE B 400 -39.07 0.07 -8.06
C ILE B 400 -38.37 1.18 -7.26
N ALA B 401 -37.11 1.47 -7.64
CA ALA B 401 -36.33 2.60 -7.15
C ALA B 401 -36.48 3.81 -8.06
N GLY B 402 -35.99 4.96 -7.58
CA GLY B 402 -36.03 6.18 -8.34
C GLY B 402 -34.83 6.39 -9.26
N ARG B 403 -35.06 7.24 -10.27
CA ARG B 403 -34.04 7.65 -11.23
C ARG B 403 -33.09 8.67 -10.60
N VAL B 404 -31.79 8.49 -10.80
CA VAL B 404 -30.80 9.33 -10.10
C VAL B 404 -30.45 10.60 -10.90
N ALA B 405 -30.11 10.45 -12.18
CA ALA B 405 -29.91 11.64 -13.01
C ALA B 405 -31.28 12.16 -13.48
N GLY B 406 -31.28 13.30 -14.17
CA GLY B 406 -32.47 13.84 -14.81
C GLY B 406 -33.25 14.87 -14.01
N GLY B 407 -32.87 15.14 -12.78
CA GLY B 407 -33.40 16.28 -12.05
C GLY B 407 -34.57 15.94 -11.13
N ARG B 408 -34.73 16.75 -10.09
CA ARG B 408 -35.95 16.87 -9.29
C ARG B 408 -36.48 15.51 -8.82
N ASN B 409 -35.63 14.77 -8.13
CA ASN B 409 -36.08 13.48 -7.64
C ASN B 409 -35.44 13.09 -6.30
N VAL B 410 -34.91 14.05 -5.53
CA VAL B 410 -34.44 13.79 -4.18
C VAL B 410 -35.64 13.83 -3.23
N PRO B 411 -35.89 12.77 -2.45
CA PRO B 411 -37.05 12.79 -1.55
C PRO B 411 -36.88 13.85 -0.47
N ILE B 412 -37.99 14.51 -0.15
CA ILE B 412 -37.97 15.63 0.79
C ILE B 412 -37.54 15.15 2.18
N ALA B 413 -37.80 13.89 2.50
CA ALA B 413 -37.38 13.39 3.81
C ALA B 413 -35.87 13.50 4.03
N VAL B 414 -35.06 13.47 2.97
CA VAL B 414 -33.60 13.56 3.13
C VAL B 414 -33.04 14.85 2.54
N GLN B 415 -33.85 15.92 2.54
CA GLN B 415 -33.39 17.18 1.95
C GLN B 415 -32.15 17.73 2.67
N ALA B 416 -32.03 17.53 3.99
CA ALA B 416 -30.85 18.05 4.68
C ALA B 416 -29.57 17.31 4.28
N VAL B 417 -29.68 16.02 3.96
CA VAL B 417 -28.52 15.25 3.49
C VAL B 417 -28.02 15.80 2.15
N ALA B 418 -28.94 16.05 1.21
CA ALA B 418 -28.59 16.61 -0.09
C ALA B 418 -27.94 17.98 0.06
N LYS B 419 -28.49 18.84 0.93
CA LYS B 419 -27.89 20.14 1.16
C LYS B 419 -26.46 20.00 1.70
N ALA B 420 -26.24 19.02 2.59
CA ALA B 420 -24.91 18.80 3.15
C ALA B 420 -23.92 18.34 2.08
N SER B 421 -24.37 17.61 1.05
CA SER B 421 -23.45 17.22 -0.01
C SER B 421 -22.93 18.42 -0.77
N ILE B 422 -23.81 19.40 -1.01
CA ILE B 422 -23.38 20.63 -1.66
C ILE B 422 -22.43 21.42 -0.76
N ASP B 423 -22.82 21.62 0.50
CA ASP B 423 -22.05 22.48 1.40
C ASP B 423 -20.66 21.91 1.68
N GLN B 424 -20.56 20.59 1.84
CA GLN B 424 -19.27 19.99 2.17
C GLN B 424 -18.34 19.93 0.97
N SER B 425 -18.87 19.72 -0.25
CA SER B 425 -18.11 19.93 -1.48
C SER B 425 -17.41 21.29 -1.47
N ARG B 426 -18.16 22.35 -1.15
CA ARG B 426 -17.60 23.70 -1.11
C ARG B 426 -16.61 23.84 0.03
N GLU B 427 -16.96 23.27 1.19
CA GLU B 427 -16.05 23.31 2.33
C GLU B 427 -14.71 22.68 1.96
N MET B 428 -14.73 21.59 1.19
CA MET B 428 -13.52 20.91 0.75
C MET B 428 -12.89 21.54 -0.50
N LYS B 429 -13.48 22.63 -1.01
CA LYS B 429 -12.91 23.43 -2.09
C LYS B 429 -12.77 22.64 -3.39
N TYR B 430 -13.83 21.92 -3.76
CA TYR B 430 -13.85 21.21 -5.04
C TYR B 430 -13.75 22.18 -6.21
N GLN B 431 -13.01 21.77 -7.25
CA GLN B 431 -13.08 22.46 -8.54
C GLN B 431 -14.44 22.20 -9.22
N SER B 432 -14.65 22.82 -10.38
CA SER B 432 -15.95 22.85 -11.05
C SER B 432 -16.21 21.58 -11.85
N LEU B 433 -17.49 21.39 -12.20
CA LEU B 433 -17.92 20.28 -13.05
C LEU B 433 -17.06 20.14 -14.29
N ASN B 434 -16.87 21.25 -15.04
CA ASN B 434 -16.10 21.17 -16.27
C ASN B 434 -14.62 20.85 -16.04
N GLU B 435 -14.05 21.25 -14.90
CA GLU B 435 -12.68 20.83 -14.61
C GLU B 435 -12.62 19.33 -14.40
N TYR B 436 -13.62 18.74 -13.70
CA TYR B 436 -13.62 17.30 -13.51
C TYR B 436 -13.90 16.54 -14.81
N ARG B 437 -14.66 17.13 -15.74
CA ARG B 437 -14.92 16.45 -17.01
C ARG B 437 -13.64 16.34 -17.84
N LYS B 438 -12.88 17.43 -17.94
CA LYS B 438 -11.59 17.36 -18.64
C LYS B 438 -10.64 16.37 -17.96
N ARG B 439 -10.63 16.34 -16.63
CA ARG B 439 -9.74 15.44 -15.91
C ARG B 439 -9.99 13.99 -16.28
N PHE B 440 -11.23 13.66 -16.66
CA PHE B 440 -11.56 12.30 -17.05
C PHE B 440 -11.79 12.19 -18.55
N SER B 441 -11.20 13.12 -19.31
CA SER B 441 -11.14 13.04 -20.77
C SER B 441 -12.52 13.18 -21.42
N LEU B 442 -13.38 14.04 -20.86
CA LEU B 442 -14.67 14.38 -21.45
C LEU B 442 -14.67 15.83 -21.92
N LYS B 443 -15.49 16.13 -22.93
CA LYS B 443 -15.61 17.50 -23.42
C LYS B 443 -16.34 18.38 -22.40
N PRO B 444 -15.84 19.59 -22.15
CA PRO B 444 -16.59 20.51 -21.26
C PRO B 444 -17.94 20.89 -21.86
N TYR B 445 -18.93 21.06 -20.98
CA TYR B 445 -20.24 21.54 -21.42
C TYR B 445 -20.18 23.02 -21.76
N THR B 446 -20.86 23.41 -22.86
CA THR B 446 -20.86 24.78 -23.36
C THR B 446 -22.06 25.60 -22.91
N SER B 447 -23.08 24.95 -22.33
CA SER B 447 -24.28 25.64 -21.88
C SER B 447 -24.99 24.76 -20.87
N PHE B 448 -25.88 25.38 -20.12
CA PHE B 448 -26.67 24.60 -19.17
C PHE B 448 -27.68 23.72 -19.88
N GLU B 449 -28.25 24.20 -21.00
CA GLU B 449 -29.18 23.40 -21.78
C GLU B 449 -28.48 22.15 -22.30
N GLU B 450 -27.22 22.27 -22.71
CA GLU B 450 -26.45 21.08 -23.10
C GLU B 450 -26.27 20.17 -21.89
N LEU B 451 -26.07 20.74 -20.70
CA LEU B 451 -25.90 19.92 -19.50
C LEU B 451 -27.14 19.09 -19.21
N THR B 452 -28.32 19.71 -19.27
CA THR B 452 -29.56 19.06 -18.85
C THR B 452 -30.37 18.45 -19.99
N GLY B 453 -30.17 18.88 -21.23
CA GLY B 453 -30.99 18.39 -22.30
C GLY B 453 -32.40 18.94 -22.36
N GLU B 454 -32.77 19.85 -21.47
CA GLU B 454 -34.08 20.49 -21.51
C GLU B 454 -33.88 21.99 -21.35
N LYS B 455 -34.95 22.73 -21.08
CA LYS B 455 -34.89 24.18 -21.05
C LYS B 455 -35.22 24.79 -19.68
N GLU B 456 -36.17 24.21 -18.94
CA GLU B 456 -36.65 24.83 -17.72
C GLU B 456 -35.62 24.77 -16.59
N MET B 457 -35.06 23.59 -16.32
CA MET B 457 -34.07 23.48 -15.27
C MET B 457 -32.80 24.25 -15.63
N ALA B 458 -32.41 24.20 -16.91
CA ALA B 458 -31.21 24.92 -17.35
C ALA B 458 -31.36 26.43 -17.13
N ALA B 459 -32.56 26.98 -17.37
CA ALA B 459 -32.75 28.41 -17.14
C ALA B 459 -32.67 28.76 -15.66
N GLU B 460 -33.21 27.91 -14.79
CA GLU B 460 -33.00 28.08 -13.35
C GLU B 460 -31.50 28.08 -13.02
N LEU B 461 -30.76 27.13 -13.57
CA LEU B 461 -29.32 27.03 -13.28
C LEU B 461 -28.56 28.24 -13.81
N LYS B 462 -28.92 28.71 -15.01
CA LYS B 462 -28.22 29.86 -15.58
C LYS B 462 -28.42 31.09 -14.71
N ALA B 463 -29.64 31.31 -14.22
CA ALA B 463 -29.90 32.44 -13.33
C ALA B 463 -29.13 32.30 -12.03
N LEU B 464 -28.88 31.06 -11.56
CA LEU B 464 -28.20 30.87 -10.29
C LEU B 464 -26.67 31.01 -10.42
N TYR B 465 -26.04 30.32 -11.40
CA TYR B 465 -24.58 30.27 -11.49
C TYR B 465 -23.96 31.21 -12.53
N SER B 466 -24.77 31.68 -13.50
CA SER B 466 -24.40 32.56 -14.62
C SER B 466 -23.39 32.01 -15.64
N ASP B 467 -22.38 31.25 -15.22
CA ASP B 467 -21.40 30.70 -16.15
C ASP B 467 -21.37 29.18 -15.99
N ILE B 468 -21.55 28.46 -17.12
CA ILE B 468 -21.53 26.99 -17.11
C ILE B 468 -20.20 26.47 -16.54
N ASP B 469 -19.13 27.24 -16.63
CA ASP B 469 -17.82 26.82 -16.15
C ASP B 469 -17.68 26.93 -14.63
N VAL B 470 -18.68 27.44 -13.90
CA VAL B 470 -18.67 27.38 -12.44
C VAL B 470 -19.74 26.47 -11.88
N MET B 471 -20.51 25.80 -12.73
CA MET B 471 -21.44 24.77 -12.27
C MET B 471 -20.68 23.74 -11.43
N GLU B 472 -21.31 23.33 -10.32
CA GLU B 472 -20.70 22.41 -9.36
C GLU B 472 -20.93 20.96 -9.78
N LEU B 473 -20.05 20.07 -9.29
CA LEU B 473 -20.06 18.67 -9.71
C LEU B 473 -21.29 17.90 -9.20
N TYR B 474 -21.58 17.96 -7.89
CA TYR B 474 -22.60 17.07 -7.33
C TYR B 474 -24.02 17.41 -7.80
N PRO B 475 -24.50 18.66 -7.74
CA PRO B 475 -25.83 18.93 -8.33
C PRO B 475 -25.86 18.64 -9.83
N ALA B 476 -24.74 18.79 -10.52
CA ALA B 476 -24.72 18.51 -11.95
C ALA B 476 -25.02 17.04 -12.22
N LEU B 477 -24.49 16.15 -11.39
CA LEU B 477 -24.71 14.71 -11.57
C LEU B 477 -26.19 14.34 -11.45
N LEU B 478 -26.95 15.07 -10.63
CA LEU B 478 -28.36 14.75 -10.43
C LEU B 478 -29.30 15.44 -11.42
N VAL B 479 -28.86 16.51 -12.11
CA VAL B 479 -29.71 17.14 -13.12
C VAL B 479 -29.29 16.79 -14.55
N GLU B 480 -28.19 16.06 -14.72
CA GLU B 480 -27.62 15.77 -16.03
C GLU B 480 -28.61 15.03 -16.92
N LYS B 481 -28.53 15.29 -18.22
CA LYS B 481 -29.31 14.54 -19.20
C LYS B 481 -28.93 13.08 -19.10
N PRO B 482 -29.88 12.18 -18.83
CA PRO B 482 -29.54 10.76 -18.75
C PRO B 482 -29.29 10.17 -20.13
N ARG B 483 -28.49 9.10 -20.17
CA ARG B 483 -28.43 8.26 -21.35
C ARG B 483 -29.84 7.75 -21.66
N PRO B 484 -30.10 7.35 -22.92
CA PRO B 484 -31.48 7.01 -23.30
C PRO B 484 -32.07 5.88 -22.47
N ASP B 485 -33.15 6.20 -21.73
CA ASP B 485 -33.84 5.27 -20.84
C ASP B 485 -32.90 4.71 -19.77
N ALA B 486 -31.92 5.49 -19.34
CA ALA B 486 -30.94 5.02 -18.38
C ALA B 486 -31.08 5.72 -17.04
N ILE B 487 -30.47 5.13 -16.01
CA ILE B 487 -30.54 5.73 -14.68
C ILE B 487 -29.54 6.88 -14.53
N PHE B 488 -28.45 6.90 -15.31
CA PHE B 488 -27.35 7.85 -15.15
C PHE B 488 -27.08 8.61 -16.45
N GLY B 489 -26.43 9.77 -16.31
CA GLY B 489 -25.81 10.45 -17.42
C GLY B 489 -24.32 10.13 -17.56
N GLU B 490 -23.69 10.76 -18.56
CA GLU B 490 -22.32 10.39 -18.95
C GLU B 490 -21.31 10.65 -17.84
N THR B 491 -21.43 11.79 -17.16
CA THR B 491 -20.42 12.16 -16.16
C THR B 491 -20.35 11.14 -15.03
N MET B 492 -21.51 10.62 -14.62
CA MET B 492 -21.55 9.66 -13.52
C MET B 492 -20.82 8.37 -13.90
N VAL B 493 -21.03 7.88 -15.11
CA VAL B 493 -20.42 6.62 -15.53
C VAL B 493 -18.91 6.78 -15.67
N GLU B 494 -18.46 7.83 -16.36
CA GLU B 494 -17.05 7.99 -16.69
C GLU B 494 -16.19 8.39 -15.50
N LEU B 495 -16.78 8.99 -14.46
CA LEU B 495 -16.05 9.19 -13.22
C LEU B 495 -16.14 7.97 -12.32
N GLY B 496 -17.32 7.36 -12.20
CA GLY B 496 -17.51 6.27 -11.26
C GLY B 496 -16.75 5.01 -11.64
N ALA B 497 -16.69 4.70 -12.94
CA ALA B 497 -16.13 3.42 -13.38
C ALA B 497 -14.64 3.26 -13.05
N PRO B 498 -13.75 4.22 -13.32
CA PRO B 498 -12.34 3.99 -12.94
C PRO B 498 -12.12 3.88 -11.43
N PHE B 499 -12.81 4.69 -10.61
CA PHE B 499 -12.69 4.53 -9.16
C PHE B 499 -13.09 3.12 -8.75
N SER B 500 -14.18 2.63 -9.33
CA SER B 500 -14.71 1.31 -8.99
C SER B 500 -13.78 0.18 -9.41
N LEU B 501 -13.17 0.28 -10.60
CA LEU B 501 -12.22 -0.73 -11.06
C LEU B 501 -11.07 -0.92 -10.08
N LYS B 502 -10.45 0.18 -9.66
CA LYS B 502 -9.33 0.10 -8.74
C LYS B 502 -9.70 -0.51 -7.41
N GLY B 503 -10.92 -0.24 -6.92
CA GLY B 503 -11.31 -0.78 -5.64
C GLY B 503 -11.58 -2.26 -5.68
N LEU B 504 -11.97 -2.79 -6.85
CA LEU B 504 -12.27 -4.21 -6.98
C LEU B 504 -11.04 -5.02 -7.41
N MET B 505 -10.43 -4.64 -8.53
CA MET B 505 -9.29 -5.40 -9.03
C MET B 505 -8.01 -5.10 -8.26
N GLY B 506 -7.96 -3.98 -7.52
CA GLY B 506 -6.79 -3.64 -6.73
C GLY B 506 -6.64 -4.42 -5.45
N ASN B 507 -7.67 -5.17 -5.07
CA ASN B 507 -7.62 -5.96 -3.85
C ASN B 507 -6.48 -6.97 -3.94
N PRO B 508 -5.73 -7.21 -2.84
CA PRO B 508 -4.62 -8.19 -2.92
C PRO B 508 -5.07 -9.57 -3.33
N ILE B 509 -6.32 -9.97 -3.06
CA ILE B 509 -6.68 -11.34 -3.45
C ILE B 509 -6.69 -11.52 -4.96
N CYS B 510 -6.71 -10.44 -5.74
CA CYS B 510 -6.65 -10.54 -7.19
C CYS B 510 -5.23 -10.53 -7.74
N SER B 511 -4.23 -10.44 -6.88
CA SER B 511 -2.84 -10.46 -7.30
C SER B 511 -2.36 -11.90 -7.53
N PRO B 512 -1.36 -12.08 -8.41
CA PRO B 512 -0.93 -13.44 -8.77
C PRO B 512 -0.57 -14.35 -7.60
N GLN B 513 0.07 -13.85 -6.53
CA GLN B 513 0.43 -14.76 -5.44
C GLN B 513 -0.76 -15.17 -4.59
N TYR B 514 -1.87 -14.45 -4.66
CA TYR B 514 -3.08 -14.79 -3.92
C TYR B 514 -4.08 -15.59 -4.74
N TRP B 515 -4.19 -15.35 -6.04
CA TRP B 515 -5.31 -15.90 -6.81
C TRP B 515 -4.96 -17.34 -7.20
N LYS B 516 -5.09 -18.24 -6.22
CA LYS B 516 -4.75 -19.65 -6.32
C LYS B 516 -5.71 -20.45 -5.44
N PRO B 517 -6.03 -21.70 -5.81
CA PRO B 517 -6.98 -22.49 -5.00
C PRO B 517 -6.58 -22.62 -3.54
N SER B 518 -5.28 -22.81 -3.24
CA SER B 518 -4.84 -23.05 -1.87
C SER B 518 -5.10 -21.86 -0.94
N THR B 519 -5.08 -20.63 -1.49
CA THR B 519 -5.44 -19.43 -0.71
C THR B 519 -6.82 -19.56 -0.06
N PHE B 520 -7.73 -20.28 -0.70
CA PHE B 520 -9.12 -20.39 -0.26
C PHE B 520 -9.45 -21.79 0.25
N GLY B 521 -8.44 -22.55 0.66
CA GLY B 521 -8.67 -23.89 1.20
C GLY B 521 -8.80 -24.99 0.19
N GLY B 522 -8.36 -24.78 -1.05
CA GLY B 522 -8.46 -25.79 -2.09
C GLY B 522 -9.57 -25.46 -3.10
N GLU B 523 -9.83 -26.45 -3.96
CA GLU B 523 -10.70 -26.19 -5.12
C GLU B 523 -12.15 -25.92 -4.70
N VAL B 524 -12.61 -26.51 -3.60
CA VAL B 524 -14.00 -26.31 -3.22
C VAL B 524 -14.24 -24.87 -2.77
N GLY B 525 -13.31 -24.28 -2.02
CA GLY B 525 -13.49 -22.91 -1.59
C GLY B 525 -13.33 -21.93 -2.74
N PHE B 526 -12.38 -22.20 -3.63
CA PHE B 526 -12.22 -21.43 -4.87
C PHE B 526 -13.51 -21.40 -5.70
N LYS B 527 -14.18 -22.55 -5.82
CA LYS B 527 -15.37 -22.60 -6.67
C LYS B 527 -16.51 -21.78 -6.08
N ILE B 528 -16.55 -21.62 -4.76
CA ILE B 528 -17.56 -20.74 -4.15
C ILE B 528 -17.38 -19.32 -4.65
N ILE B 529 -16.14 -18.82 -4.74
CA ILE B 529 -15.93 -17.48 -5.26
C ILE B 529 -16.37 -17.39 -6.71
N ASN B 530 -15.92 -18.34 -7.54
CA ASN B 530 -16.12 -18.24 -8.98
C ASN B 530 -17.54 -18.58 -9.45
N THR B 531 -18.43 -19.02 -8.57
CA THR B 531 -19.82 -19.24 -8.96
C THR B 531 -20.78 -18.35 -8.19
N ALA B 532 -20.30 -17.36 -7.46
CA ALA B 532 -21.17 -16.59 -6.58
C ALA B 532 -22.12 -15.69 -7.38
N SER B 533 -23.30 -15.44 -6.80
CA SER B 533 -24.29 -14.57 -7.43
C SER B 533 -25.19 -13.99 -6.34
N ILE B 534 -25.85 -12.86 -6.65
CA ILE B 534 -26.82 -12.33 -5.69
C ILE B 534 -27.94 -13.36 -5.45
N GLN B 535 -28.35 -14.08 -6.50
CA GLN B 535 -29.38 -15.09 -6.34
C GLN B 535 -28.89 -16.23 -5.44
N SER B 536 -27.63 -16.68 -5.61
CA SER B 536 -27.18 -17.80 -4.79
C SER B 536 -26.94 -17.35 -3.35
N LEU B 537 -26.50 -16.11 -3.16
CA LEU B 537 -26.38 -15.58 -1.80
C LEU B 537 -27.71 -15.65 -1.05
N ILE B 538 -28.82 -15.28 -1.72
CA ILE B 538 -30.14 -15.31 -1.07
C ILE B 538 -30.64 -16.74 -0.94
N CYS B 539 -30.46 -17.55 -1.99
CA CYS B 539 -30.99 -18.92 -1.98
C CYS B 539 -30.40 -19.75 -0.86
N ASN B 540 -29.09 -19.59 -0.61
CA ASN B 540 -28.41 -20.40 0.41
C ASN B 540 -28.72 -19.96 1.83
N ASN B 541 -29.12 -18.71 2.03
CA ASN B 541 -29.23 -18.17 3.38
C ASN B 541 -30.62 -17.69 3.77
N VAL B 542 -31.62 -17.76 2.88
CA VAL B 542 -32.96 -17.23 3.19
C VAL B 542 -33.98 -18.35 3.02
N LYS B 543 -34.81 -18.54 4.06
CA LYS B 543 -35.78 -19.64 4.08
C LYS B 543 -36.70 -19.61 2.87
N GLY B 544 -36.82 -20.77 2.21
CA GLY B 544 -37.66 -20.91 1.04
C GLY B 544 -36.96 -20.64 -0.28
N CYS B 545 -35.72 -20.14 -0.26
CA CYS B 545 -34.97 -19.72 -1.45
C CYS B 545 -35.88 -18.94 -2.40
N PRO B 546 -36.26 -17.71 -2.05
CA PRO B 546 -37.05 -16.90 -2.99
C PRO B 546 -36.19 -16.38 -4.13
N PHE B 547 -36.82 -16.19 -5.29
CA PHE B 547 -36.14 -15.62 -6.43
C PHE B 547 -35.82 -14.15 -6.17
N THR B 548 -34.67 -13.70 -6.68
CA THR B 548 -34.32 -12.31 -6.50
C THR B 548 -33.45 -11.83 -7.67
N SER B 549 -33.21 -10.53 -7.69
CA SER B 549 -32.66 -9.84 -8.84
C SER B 549 -32.44 -8.38 -8.43
N PHE B 550 -31.62 -7.67 -9.19
CA PHE B 550 -31.50 -6.22 -8.99
C PHE B 550 -32.50 -5.43 -9.85
N ASN B 551 -33.41 -6.11 -10.55
CA ASN B 551 -34.39 -5.45 -11.39
CA ASN B 551 -34.37 -5.51 -11.47
C ASN B 551 -35.78 -6.00 -11.11
N VAL B 552 -36.79 -5.14 -11.26
CA VAL B 552 -38.18 -5.53 -10.92
C VAL B 552 -38.77 -6.54 -11.92
#